data_5S7T
#
_entry.id   5S7T
#
_cell.length_a   127.583
_cell.length_b   84.736
_cell.length_c   88.529
_cell.angle_alpha   90.000
_cell.angle_beta   131.230
_cell.angle_gamma   90.000
#
_symmetry.space_group_name_H-M   'C 1 2 1'
#
loop_
_entity.id
_entity.type
_entity.pdbx_description
1 polymer 'Activin receptor type-1'
2 non-polymer 4-methyl-3-[4-(1-methylpiperidin-4-yl)phenyl]-5-(3,4,5-trimethoxyphenyl)pyridine
3 non-polymer 1,2-ETHANEDIOL
4 non-polymer 'DIMETHYL SULFOXIDE'
5 non-polymer (3S)-1,2,4-triazolidin-3-amine
6 non-polymer 'SULFATE ION'
7 water water
#
_entity_poly.entity_id   1
_entity_poly.type   'polypeptide(L)'
_entity_poly.pdbx_seq_one_letter_code
;SMQRTVARDITLLECVGKGRYGEVWRGSWQGENVAVKIFSSRDEKSWFRETELYNTVMLRHENILGFIASDMTSRHSSTQ
LWLITHYHEMGSLYDYLQLTTLDTVSCLRIVLSIASGLAHLHIEIFGTQGKPAIAHRDLKSKNILVKKNGQCCIADLGLA
VMHSQSTNQLDVGNNPRVGTKRYMAPEVLDETIQVDCFDSYKRVDIWAFGLVLWEVARRMVSNGIVEDYKPPFYDVVPND
PSFEDMRKVVCVDQQRPNIPNRWFSDPTLTSLAKLMKECWYQNPSARLTALRIKKTLTKID
;
_entity_poly.pdbx_strand_id   A,B
#
loop_
_chem_comp.id
_chem_comp.type
_chem_comp.name
_chem_comp.formula
DMS non-polymer 'DIMETHYL SULFOXIDE' 'C2 H6 O S'
EDO non-polymer 1,2-ETHANEDIOL 'C2 H6 O2'
LU8 non-polymer 4-methyl-3-[4-(1-methylpiperidin-4-yl)phenyl]-5-(3,4,5-trimethoxyphenyl)pyridine 'C27 H32 N2 O3'
SO4 non-polymer 'SULFATE ION' 'O4 S -2'
XGJ non-polymer (3S)-1,2,4-triazolidin-3-amine 'C2 H8 N4'
#
# COMPACT_ATOMS: atom_id res chain seq x y z
N ARG A 4 25.56 28.66 17.39
CA ARG A 4 24.27 28.45 18.08
C ARG A 4 24.48 27.55 19.31
N THR A 5 23.55 27.62 20.26
CA THR A 5 23.58 26.79 21.49
C THR A 5 22.92 25.48 21.14
N VAL A 6 23.61 24.38 21.38
CA VAL A 6 23.07 23.00 21.19
C VAL A 6 22.77 22.47 22.58
N ALA A 7 21.51 22.63 22.99
CA ALA A 7 20.98 22.18 24.29
C ALA A 7 20.81 20.65 24.24
N ARG A 8 21.58 19.95 25.05
CA ARG A 8 21.65 18.48 25.04
C ARG A 8 21.29 17.99 26.45
N ASP A 9 21.22 18.90 27.42
CA ASP A 9 20.86 18.49 28.79
C ASP A 9 19.48 17.83 28.72
N ILE A 10 19.33 16.67 29.35
CA ILE A 10 18.03 15.99 29.56
C ILE A 10 17.89 15.77 31.07
N THR A 11 16.83 16.27 31.68
CA THR A 11 16.53 15.98 33.09
C THR A 11 15.85 14.60 33.16
N LEU A 12 16.54 13.62 33.74
CA LEU A 12 15.95 12.30 34.01
C LEU A 12 15.05 12.47 35.25
N LEU A 13 13.76 12.17 35.14
CA LEU A 13 12.79 12.55 36.19
C LEU A 13 12.32 11.30 36.93
N GLU A 14 11.97 10.24 36.22
CA GLU A 14 11.49 9.02 36.90
C GLU A 14 11.88 7.82 36.06
N CYS A 15 12.27 6.75 36.73
CA CYS A 15 12.54 5.46 36.10
C CYS A 15 11.20 4.75 35.91
N VAL A 16 10.90 4.33 34.68
CA VAL A 16 9.61 3.70 34.31
C VAL A 16 9.86 2.25 33.88
N GLY A 17 11.11 1.78 33.96
CA GLY A 17 11.46 0.41 33.60
C GLY A 17 12.89 0.12 33.99
N LYS A 18 13.10 -1.03 34.62
CA LYS A 18 14.47 -1.56 34.95
C LYS A 18 14.45 -3.04 34.59
N GLY A 19 15.44 -3.51 33.87
CA GLY A 19 15.62 -4.93 33.53
C GLY A 19 17.10 -5.23 33.38
N ARG A 20 17.41 -6.39 32.81
CA ARG A 20 18.79 -6.73 32.38
C ARG A 20 19.18 -5.79 31.20
N TYR A 21 18.23 -5.33 30.37
CA TYR A 21 18.53 -4.45 29.19
C TYR A 21 19.19 -3.14 29.66
N GLY A 22 18.92 -2.75 30.91
CA GLY A 22 19.21 -1.43 31.45
C GLY A 22 17.97 -0.84 32.06
N GLU A 23 17.74 0.44 31.81
CA GLU A 23 16.66 1.24 32.42
C GLU A 23 15.97 2.11 31.39
N VAL A 24 14.68 2.40 31.55
CA VAL A 24 14.03 3.50 30.77
C VAL A 24 13.57 4.57 31.75
N TRP A 25 13.79 5.81 31.40
CA TRP A 25 13.45 7.01 32.19
C TRP A 25 12.50 7.90 31.42
N ARG A 26 11.55 8.47 32.13
CA ARG A 26 10.89 9.71 31.66
C ARG A 26 11.91 10.82 31.82
N GLY A 27 12.14 11.55 30.75
CA GLY A 27 13.09 12.67 30.75
C GLY A 27 12.43 13.89 30.20
N SER A 28 13.12 14.99 30.31
CA SER A 28 12.59 16.31 29.92
C SER A 28 13.67 16.95 29.07
N TRP A 29 13.28 17.35 27.88
CA TRP A 29 14.15 18.18 27.01
C TRP A 29 13.34 19.40 26.58
N GLN A 30 13.78 20.60 26.96
CA GLN A 30 13.12 21.85 26.48
C GLN A 30 11.63 21.81 26.81
N GLY A 31 11.28 21.42 28.04
CA GLY A 31 9.91 21.46 28.59
C GLY A 31 9.06 20.26 28.22
N GLU A 32 9.61 19.32 27.43
CA GLU A 32 8.87 18.28 26.65
C GLU A 32 9.35 16.91 27.09
N ASN A 33 8.41 16.02 27.40
CA ASN A 33 8.72 14.62 27.76
C ASN A 33 9.44 13.90 26.60
N VAL A 34 10.47 13.19 27.00
CA VAL A 34 11.15 12.19 26.12
C VAL A 34 11.31 10.93 26.94
N ALA A 35 11.45 9.79 26.27
CA ALA A 35 11.84 8.54 26.94
C ALA A 35 13.33 8.32 26.70
N VAL A 36 14.06 7.92 27.74
CA VAL A 36 15.52 7.70 27.64
C VAL A 36 15.81 6.28 28.06
N LYS A 37 16.23 5.44 27.13
CA LYS A 37 16.69 4.09 27.44
C LYS A 37 18.18 4.13 27.66
N ILE A 38 18.60 3.72 28.84
CA ILE A 38 20.04 3.68 29.21
C ILE A 38 20.46 2.22 29.16
N PHE A 39 21.36 1.85 28.28
CA PHE A 39 21.70 0.44 28.03
C PHE A 39 22.69 -0.06 29.08
N SER A 40 22.46 -1.30 29.54
CA SER A 40 23.51 -2.06 30.25
C SER A 40 24.66 -2.37 29.29
N SER A 41 25.88 -2.56 29.80
CA SER A 41 27.03 -3.06 28.99
C SER A 41 26.64 -4.39 28.33
N ARG A 42 25.86 -5.22 29.02
CA ARG A 42 25.41 -6.56 28.56
C ARG A 42 24.63 -6.40 27.24
N ASP A 43 23.98 -5.26 27.01
CA ASP A 43 23.03 -5.12 25.87
C ASP A 43 23.49 -4.01 24.93
N GLU A 44 24.78 -3.70 24.90
CA GLU A 44 25.31 -2.68 23.97
C GLU A 44 24.91 -3.00 22.53
N LYS A 45 24.88 -4.25 22.10
CA LYS A 45 24.65 -4.55 20.67
C LYS A 45 23.23 -4.13 20.28
N SER A 46 22.27 -4.12 21.20
CA SER A 46 20.90 -3.62 20.90
C SER A 46 20.97 -2.13 20.56
N TRP A 47 21.75 -1.35 21.29
CA TRP A 47 21.89 0.09 20.95
C TRP A 47 22.54 0.22 19.57
N PHE A 48 23.60 -0.50 19.31
CA PHE A 48 24.26 -0.43 18.01
C PHE A 48 23.33 -0.82 16.88
N ARG A 49 22.55 -1.90 17.04
CA ARG A 49 21.68 -2.36 15.95
C ARG A 49 20.57 -1.33 15.68
N GLU A 50 19.93 -0.80 16.69
CA GLU A 50 18.85 0.19 16.49
C GLU A 50 19.46 1.46 15.88
N THR A 51 20.62 1.88 16.36
CA THR A 51 21.29 3.09 15.83
C THR A 51 21.64 2.81 14.35
N GLU A 52 22.23 1.66 14.05
CA GLU A 52 22.58 1.35 12.64
C GLU A 52 21.33 1.39 11.76
N LEU A 53 20.21 0.83 12.23
CA LEU A 53 18.97 0.83 11.40
C LEU A 53 18.53 2.27 11.13
N TYR A 54 18.46 3.09 12.16
CA TYR A 54 18.01 4.50 12.00
C TYR A 54 19.02 5.34 11.21
N ASN A 55 20.29 4.96 11.22
CA ASN A 55 21.31 5.60 10.33
C ASN A 55 21.08 5.17 8.90
N THR A 56 20.47 4.03 8.65
CA THR A 56 20.13 3.49 7.30
C THR A 56 18.81 4.05 6.80
N VAL A 57 17.79 4.11 7.63
CA VAL A 57 16.46 4.59 7.25
C VAL A 57 15.85 5.30 8.45
N MET A 58 15.43 6.55 8.31
CA MET A 58 14.79 7.29 9.42
C MET A 58 13.28 6.95 9.40
N LEU A 59 12.93 5.83 10.03
CA LEU A 59 11.50 5.40 10.04
C LEU A 59 10.67 6.52 10.67
N ARG A 60 9.55 6.82 10.04
CA ARG A 60 8.59 7.77 10.57
C ARG A 60 7.21 7.22 10.29
N HIS A 61 6.56 6.71 11.32
CA HIS A 61 5.23 6.08 11.18
C HIS A 61 4.48 6.21 12.48
N GLU A 62 3.21 6.51 12.43
CA GLU A 62 2.39 6.73 13.67
C GLU A 62 2.36 5.48 14.55
N ASN A 63 2.63 4.29 14.02
CA ASN A 63 2.59 3.07 14.83
C ASN A 63 3.98 2.47 15.07
N ILE A 64 5.02 3.26 14.89
N ILE A 64 5.01 3.28 14.95
CA ILE A 64 6.43 2.94 15.28
CA ILE A 64 6.40 2.91 15.31
C ILE A 64 6.88 3.97 16.31
C ILE A 64 6.94 3.96 16.27
N LEU A 65 7.44 3.54 17.44
CA LEU A 65 7.92 4.49 18.46
C LEU A 65 8.83 5.52 17.81
N GLY A 66 8.57 6.77 18.07
CA GLY A 66 9.30 7.84 17.36
C GLY A 66 10.71 8.03 17.83
N PHE A 67 11.66 7.91 16.90
CA PHE A 67 13.08 8.13 17.20
C PHE A 67 13.38 9.61 17.39
N ILE A 68 14.16 9.94 18.42
CA ILE A 68 14.69 11.32 18.61
C ILE A 68 16.20 11.30 18.48
N ALA A 69 16.91 10.45 19.23
CA ALA A 69 18.37 10.52 19.22
C ALA A 69 18.99 9.21 19.70
N SER A 70 20.21 8.97 19.22
CA SER A 70 21.13 7.96 19.76
C SER A 70 22.35 8.72 20.31
N ASP A 71 22.68 8.54 21.57
CA ASP A 71 23.76 9.28 22.23
C ASP A 71 24.77 8.33 22.85
N MET A 72 26.02 8.51 22.49
CA MET A 72 27.16 7.83 23.14
C MET A 72 28.00 8.88 23.84
N THR A 73 28.23 8.68 25.14
CA THR A 73 29.05 9.64 25.95
C THR A 73 30.20 8.83 26.58
N SER A 74 31.42 9.37 26.46
CA SER A 74 32.63 8.84 27.10
C SER A 74 32.52 9.14 28.61
N ARG A 75 32.67 8.12 29.46
CA ARG A 75 32.83 8.25 30.94
C ARG A 75 34.25 7.82 31.34
N HIS A 76 34.61 8.03 32.61
CA HIS A 76 35.96 7.76 33.15
C HIS A 76 36.52 6.48 32.55
N SER A 77 35.78 5.37 32.68
CA SER A 77 36.31 4.02 32.35
C SER A 77 35.22 3.18 31.69
N SER A 78 34.21 3.85 31.10
CA SER A 78 33.08 3.18 30.42
C SER A 78 32.52 4.10 29.34
N THR A 79 31.66 3.52 28.51
CA THR A 79 30.87 4.27 27.50
C THR A 79 29.40 4.22 27.91
N GLN A 80 28.71 5.35 27.92
CA GLN A 80 27.27 5.43 28.26
C GLN A 80 26.48 5.52 26.95
N LEU A 81 25.50 4.61 26.77
CA LEU A 81 24.68 4.55 25.53
C LEU A 81 23.23 4.84 25.88
N TRP A 82 22.68 5.87 25.28
CA TRP A 82 21.27 6.25 25.47
C TRP A 82 20.54 6.23 24.15
N LEU A 83 19.30 5.75 24.14
CA LEU A 83 18.37 5.93 23.02
C LEU A 83 17.25 6.84 23.51
N ILE A 84 16.94 7.89 22.78
CA ILE A 84 15.91 8.86 23.16
C ILE A 84 14.80 8.78 22.15
N THR A 85 13.58 8.63 22.65
CA THR A 85 12.39 8.48 21.80
C THR A 85 11.27 9.37 22.32
N HIS A 86 10.19 9.41 21.56
CA HIS A 86 8.88 9.86 22.06
C HIS A 86 8.56 9.16 23.38
N TYR A 87 7.79 9.83 24.23
CA TYR A 87 7.34 9.29 25.53
C TYR A 87 5.83 9.07 25.46
N HIS A 88 5.41 7.85 25.77
CA HIS A 88 3.98 7.46 25.78
C HIS A 88 3.56 7.17 27.23
N GLU A 89 2.94 8.15 27.87
CA GLU A 89 2.72 8.10 29.33
C GLU A 89 1.80 6.95 29.74
N MET A 90 1.00 6.40 28.83
CA MET A 90 0.12 5.27 29.17
C MET A 90 0.90 3.97 29.34
N GLY A 91 2.15 3.91 28.89
CA GLY A 91 3.00 2.75 29.06
C GLY A 91 2.71 1.62 28.07
N SER A 92 3.20 0.45 28.38
CA SER A 92 3.14 -0.68 27.45
C SER A 92 1.74 -1.29 27.38
N LEU A 93 1.46 -1.92 26.26
CA LEU A 93 0.22 -2.70 26.11
C LEU A 93 0.14 -3.78 27.19
N TYR A 94 1.23 -4.45 27.51
CA TYR A 94 1.26 -5.46 28.57
C TYR A 94 0.73 -4.87 29.89
N ASP A 95 1.21 -3.72 30.32
N ASP A 95 1.25 -3.68 30.24
CA ASP A 95 0.67 -3.22 31.63
CA ASP A 95 0.87 -2.93 31.46
C ASP A 95 -0.77 -2.71 31.42
C ASP A 95 -0.63 -2.63 31.41
N TYR A 96 -1.07 -2.08 30.28
CA TYR A 96 -2.41 -1.56 30.04
C TYR A 96 -3.45 -2.67 30.13
N LEU A 97 -3.15 -3.84 29.58
CA LEU A 97 -4.15 -4.92 29.58
C LEU A 97 -4.33 -5.50 30.98
N GLN A 98 -3.43 -5.27 31.91
CA GLN A 98 -3.54 -5.93 33.26
C GLN A 98 -4.83 -5.53 33.98
N LEU A 99 -5.19 -4.26 33.89
CA LEU A 99 -6.28 -3.60 34.65
C LEU A 99 -7.18 -2.74 33.75
N THR A 100 -7.19 -2.95 32.42
CA THR A 100 -8.16 -2.33 31.52
C THR A 100 -8.87 -3.44 30.75
N THR A 101 -10.18 -3.31 30.59
CA THR A 101 -10.94 -4.10 29.61
C THR A 101 -11.27 -3.24 28.41
N LEU A 102 -11.63 -3.89 27.33
CA LEU A 102 -11.81 -3.26 26.02
C LEU A 102 -13.21 -3.47 25.49
N ASP A 103 -13.69 -2.56 24.68
CA ASP A 103 -14.88 -2.83 23.83
C ASP A 103 -14.46 -3.17 22.42
N THR A 104 -15.37 -3.46 21.53
CA THR A 104 -15.09 -3.86 20.15
C THR A 104 -14.23 -2.78 19.47
N VAL A 105 -14.61 -1.52 19.58
CA VAL A 105 -13.89 -0.43 18.87
C VAL A 105 -12.46 -0.35 19.42
N SER A 106 -12.28 -0.37 20.72
N SER A 106 -12.28 -0.39 20.72
CA SER A 106 -10.92 -0.19 21.32
CA SER A 106 -10.92 -0.19 21.27
C SER A 106 -10.05 -1.40 20.99
C SER A 106 -10.05 -1.41 21.00
N CYS A 107 -10.61 -2.61 21.01
CA CYS A 107 -9.86 -3.84 20.72
C CYS A 107 -9.39 -3.76 19.27
N LEU A 108 -10.29 -3.52 18.33
CA LEU A 108 -9.95 -3.49 16.90
C LEU A 108 -8.90 -2.39 16.65
N ARG A 109 -9.07 -1.24 17.29
CA ARG A 109 -8.16 -0.09 17.06
C ARG A 109 -6.75 -0.47 17.47
N ILE A 110 -6.61 -1.09 18.65
CA ILE A 110 -5.30 -1.58 19.14
C ILE A 110 -4.70 -2.54 18.10
N VAL A 111 -5.45 -3.56 17.69
CA VAL A 111 -4.79 -4.60 16.88
C VAL A 111 -4.51 -4.12 15.47
N LEU A 112 -5.41 -3.30 14.92
CA LEU A 112 -5.17 -2.71 13.58
C LEU A 112 -3.94 -1.78 13.66
N SER A 113 -3.76 -1.03 14.75
CA SER A 113 -2.60 -0.11 14.80
C SER A 113 -1.30 -0.94 14.84
N ILE A 114 -1.33 -2.08 15.55
CA ILE A 114 -0.12 -2.92 15.61
C ILE A 114 0.13 -3.48 14.18
N ALA A 115 -0.89 -4.05 13.55
CA ALA A 115 -0.77 -4.58 12.18
C ALA A 115 -0.21 -3.51 11.22
N SER A 116 -0.67 -2.28 11.40
N SER A 116 -0.66 -2.28 11.39
CA SER A 116 -0.24 -1.13 10.55
CA SER A 116 -0.23 -1.16 10.51
C SER A 116 1.25 -0.87 10.76
C SER A 116 1.25 -0.85 10.75
N GLY A 117 1.69 -0.80 12.01
CA GLY A 117 3.12 -0.60 12.25
C GLY A 117 3.92 -1.78 11.70
N LEU A 118 3.43 -2.99 11.90
CA LEU A 118 4.20 -4.17 11.47
C LEU A 118 4.29 -4.24 9.95
N ALA A 119 3.18 -3.96 9.27
CA ALA A 119 3.20 -3.98 7.78
C ALA A 119 4.16 -2.89 7.31
N HIS A 120 4.25 -1.76 7.98
CA HIS A 120 5.20 -0.72 7.58
C HIS A 120 6.62 -1.21 7.75
N LEU A 121 6.94 -1.87 8.87
CA LEU A 121 8.29 -2.46 9.00
C LEU A 121 8.54 -3.42 7.86
N HIS A 122 7.61 -4.31 7.60
CA HIS A 122 7.86 -5.42 6.66
C HIS A 122 8.02 -4.98 5.22
N ILE A 123 7.43 -3.87 4.80
CA ILE A 123 7.37 -3.55 3.33
C ILE A 123 8.66 -2.90 2.86
N GLU A 124 9.19 -3.34 1.73
CA GLU A 124 10.27 -2.60 1.07
C GLU A 124 9.68 -1.49 0.16
N ILE A 125 10.18 -0.29 0.31
CA ILE A 125 9.72 0.88 -0.50
C ILE A 125 10.94 1.32 -1.30
N PHE A 126 10.80 1.38 -2.63
CA PHE A 126 11.91 1.81 -3.53
C PHE A 126 12.01 3.34 -3.55
N GLY A 127 13.22 3.89 -3.68
CA GLY A 127 13.49 5.32 -3.94
C GLY A 127 14.68 5.84 -3.17
N GLY A 130 12.29 6.04 0.51
CA GLY A 130 11.98 4.59 0.58
C GLY A 130 12.56 3.94 1.83
N LYS A 131 12.59 2.61 1.86
CA LYS A 131 13.07 1.87 3.06
C LYS A 131 13.34 0.43 2.70
N PRO A 132 14.32 -0.22 3.34
CA PRO A 132 14.44 -1.66 3.26
C PRO A 132 13.30 -2.35 4.02
N ALA A 133 12.96 -3.56 3.66
CA ALA A 133 12.10 -4.45 4.47
C ALA A 133 12.81 -4.70 5.79
N ILE A 134 12.03 -4.72 6.87
CA ILE A 134 12.55 -4.87 8.25
C ILE A 134 11.69 -5.91 8.95
N ALA A 135 12.31 -6.88 9.59
CA ALA A 135 11.63 -7.77 10.54
C ALA A 135 12.07 -7.41 11.96
N HIS A 136 11.14 -7.40 12.89
CA HIS A 136 11.33 -6.97 14.30
C HIS A 136 12.12 -7.98 15.11
N ARG A 137 11.63 -9.22 15.14
CA ARG A 137 12.27 -10.37 15.81
C ARG A 137 12.06 -10.40 17.32
N ASP A 138 11.38 -9.46 17.95
CA ASP A 138 11.03 -9.60 19.38
C ASP A 138 9.67 -8.91 19.62
N LEU A 139 8.68 -9.22 18.80
CA LEU A 139 7.37 -8.59 18.99
C LEU A 139 6.68 -9.26 20.16
N LYS A 140 6.12 -8.47 21.03
CA LYS A 140 5.43 -8.95 22.25
C LYS A 140 4.73 -7.76 22.86
N SER A 141 3.83 -7.96 23.82
CA SER A 141 3.00 -6.87 24.38
C SER A 141 3.84 -5.89 25.21
N LYS A 142 4.98 -6.30 25.76
CA LYS A 142 5.88 -5.35 26.47
C LYS A 142 6.61 -4.46 25.48
N ASN A 143 6.68 -4.82 24.20
CA ASN A 143 7.39 -3.99 23.17
C ASN A 143 6.38 -3.20 22.36
N ILE A 144 5.17 -3.00 22.87
CA ILE A 144 4.12 -2.16 22.21
C ILE A 144 3.71 -1.13 23.23
N LEU A 145 3.62 0.13 22.83
CA LEU A 145 3.16 1.20 23.74
CA LEU A 145 3.17 1.22 23.71
C LEU A 145 1.79 1.70 23.32
N VAL A 146 1.02 2.11 24.30
CA VAL A 146 -0.34 2.64 24.09
C VAL A 146 -0.29 4.15 24.04
N LYS A 147 -0.85 4.72 22.97
CA LYS A 147 -0.93 6.18 22.81
C LYS A 147 -2.29 6.66 23.31
N LYS A 148 -2.32 7.96 23.60
CA LYS A 148 -3.58 8.54 24.15
C LYS A 148 -4.71 8.48 23.15
N ASN A 149 -4.43 8.43 21.83
CA ASN A 149 -5.50 8.35 20.81
C ASN A 149 -6.03 6.93 20.62
N GLY A 150 -5.58 5.98 21.41
CA GLY A 150 -6.14 4.62 21.37
C GLY A 150 -5.41 3.70 20.41
N GLN A 151 -4.52 4.23 19.60
CA GLN A 151 -3.64 3.41 18.75
C GLN A 151 -2.39 3.08 19.55
N CYS A 152 -1.68 2.07 19.13
CA CYS A 152 -0.39 1.67 19.73
C CYS A 152 0.76 1.96 18.78
N CYS A 153 1.97 1.84 19.31
CA CYS A 153 3.17 1.85 18.49
C CYS A 153 4.13 0.74 18.93
N ILE A 154 4.87 0.25 17.94
CA ILE A 154 5.86 -0.84 18.14
C ILE A 154 7.19 -0.23 18.52
N ALA A 155 7.84 -0.78 19.52
CA ALA A 155 9.13 -0.33 20.08
C ALA A 155 10.15 -1.47 20.03
N ASP A 156 11.41 -1.08 20.13
CA ASP A 156 12.61 -1.93 20.38
C ASP A 156 13.00 -2.60 19.08
N LEU A 157 13.88 -1.97 18.33
CA LEU A 157 14.43 -2.53 17.10
C LEU A 157 15.86 -3.04 17.31
N GLY A 158 16.17 -3.41 18.56
CA GLY A 158 17.53 -3.90 18.89
C GLY A 158 17.82 -5.25 18.31
N LEU A 159 16.84 -6.03 17.89
CA LEU A 159 17.05 -7.34 17.23
C LEU A 159 16.65 -7.33 15.76
N ALA A 160 16.23 -6.15 15.27
CA ALA A 160 15.63 -6.04 13.93
C ALA A 160 16.66 -6.39 12.87
N VAL A 161 16.18 -6.95 11.78
CA VAL A 161 16.98 -7.25 10.58
C VAL A 161 16.40 -6.53 9.37
N MET A 162 17.31 -6.05 8.54
CA MET A 162 17.00 -5.27 7.33
C MET A 162 17.26 -6.15 6.12
N HIS A 163 16.45 -6.06 5.09
CA HIS A 163 16.68 -6.79 3.80
C HIS A 163 17.28 -5.81 2.77
N SER A 164 16.50 -5.45 1.72
CA SER A 164 16.86 -4.81 0.42
C SER A 164 17.08 -5.86 -0.70
N ARG A 177 21.81 -11.63 21.99
CA ARG A 177 20.35 -11.50 22.23
C ARG A 177 19.57 -12.35 21.23
N VAL A 178 18.54 -13.04 21.73
CA VAL A 178 17.57 -13.81 20.91
C VAL A 178 16.18 -13.32 21.31
N GLY A 179 15.17 -13.71 20.54
CA GLY A 179 13.81 -13.28 20.87
C GLY A 179 13.36 -13.82 22.23
N THR A 180 12.31 -13.22 22.75
CA THR A 180 11.66 -13.69 23.99
C THR A 180 11.10 -15.09 23.74
N LYS A 181 11.51 -16.06 24.56
CA LYS A 181 11.26 -17.49 24.27
CA LYS A 181 11.26 -17.48 24.26
C LYS A 181 9.76 -17.78 24.22
N ARG A 182 8.99 -17.16 25.09
CA ARG A 182 7.53 -17.44 25.15
C ARG A 182 6.87 -17.15 23.79
N TYR A 183 7.40 -16.17 23.05
CA TYR A 183 6.83 -15.73 21.76
C TYR A 183 7.51 -16.36 20.57
N MET A 184 8.47 -17.27 20.74
CA MET A 184 9.21 -17.83 19.62
C MET A 184 8.36 -18.78 18.80
N ALA A 185 8.43 -18.62 17.48
CA ALA A 185 7.74 -19.48 16.51
C ALA A 185 8.30 -20.89 16.51
N PRO A 186 7.55 -21.88 16.05
CA PRO A 186 8.03 -23.26 16.07
C PRO A 186 9.37 -23.44 15.35
N GLU A 187 9.56 -22.78 14.22
CA GLU A 187 10.79 -22.94 13.39
C GLU A 187 11.98 -22.34 14.11
N VAL A 188 11.81 -21.40 15.01
CA VAL A 188 12.93 -20.87 15.85
C VAL A 188 13.26 -21.92 16.90
N LEU A 189 12.25 -22.44 17.56
CA LEU A 189 12.43 -23.45 18.64
C LEU A 189 13.01 -24.74 18.10
N ASP A 190 12.70 -25.18 16.89
CA ASP A 190 13.23 -26.45 16.36
C ASP A 190 14.42 -26.18 15.44
N GLU A 191 14.83 -24.93 15.33
CA GLU A 191 16.07 -24.52 14.61
C GLU A 191 15.97 -24.94 13.14
N THR A 192 14.77 -25.02 12.56
CA THR A 192 14.58 -25.25 11.10
C THR A 192 14.40 -23.96 10.33
N ILE A 193 14.31 -22.84 11.02
CA ILE A 193 14.11 -21.55 10.31
C ILE A 193 15.13 -21.40 9.16
N GLN A 194 14.63 -20.99 8.01
CA GLN A 194 15.45 -20.75 6.78
C GLN A 194 16.07 -19.35 6.87
N VAL A 195 17.24 -19.25 7.50
CA VAL A 195 17.95 -18.00 7.92
C VAL A 195 18.41 -17.20 6.70
N ASP A 196 18.47 -17.81 5.51
CA ASP A 196 18.92 -17.14 4.27
C ASP A 196 17.73 -16.57 3.50
N CYS A 197 16.49 -16.68 4.02
CA CYS A 197 15.24 -16.27 3.33
C CYS A 197 14.66 -15.16 4.19
N PHE A 198 14.66 -13.93 3.71
CA PHE A 198 14.24 -12.82 4.58
C PHE A 198 12.79 -13.05 5.03
N ASP A 199 11.94 -13.60 4.18
CA ASP A 199 10.51 -13.81 4.48
C ASP A 199 10.42 -14.69 5.74
N SER A 200 11.42 -15.51 6.01
CA SER A 200 11.39 -16.34 7.24
C SER A 200 11.19 -15.44 8.45
N TYR A 201 11.84 -14.28 8.47
CA TYR A 201 11.80 -13.44 9.67
C TYR A 201 10.46 -12.73 9.77
N LYS A 202 9.87 -12.37 8.63
N LYS A 202 9.87 -12.37 8.63
CA LYS A 202 8.52 -11.77 8.66
CA LYS A 202 8.51 -11.79 8.65
C LYS A 202 7.56 -12.81 9.24
C LYS A 202 7.56 -12.82 9.27
N ARG A 203 7.70 -14.09 8.88
CA ARG A 203 6.76 -15.14 9.33
C ARG A 203 6.92 -15.40 10.83
N VAL A 204 8.09 -15.23 11.37
CA VAL A 204 8.31 -15.29 12.84
C VAL A 204 7.60 -14.12 13.50
N ASP A 205 7.63 -12.91 12.92
CA ASP A 205 6.90 -11.79 13.52
C ASP A 205 5.40 -12.07 13.48
N ILE A 206 4.88 -12.68 12.43
CA ILE A 206 3.43 -12.94 12.31
C ILE A 206 2.95 -13.90 13.39
N TRP A 207 3.74 -14.92 13.67
CA TRP A 207 3.44 -15.84 14.79
C TRP A 207 3.29 -15.05 16.08
N ALA A 208 4.27 -14.22 16.40
CA ALA A 208 4.27 -13.41 17.62
C ALA A 208 3.07 -12.44 17.61
N PHE A 209 2.78 -11.82 16.45
CA PHE A 209 1.58 -10.98 16.36
C PHE A 209 0.33 -11.76 16.73
N GLY A 210 0.20 -12.98 16.24
CA GLY A 210 -1.00 -13.76 16.59
C GLY A 210 -1.12 -13.92 18.11
N LEU A 211 -0.01 -14.18 18.79
CA LEU A 211 -0.04 -14.28 20.27
C LEU A 211 -0.48 -12.98 20.91
N VAL A 212 0.01 -11.85 20.41
CA VAL A 212 -0.40 -10.53 20.92
C VAL A 212 -1.90 -10.35 20.66
N LEU A 213 -2.38 -10.71 19.49
CA LEU A 213 -3.82 -10.60 19.15
C LEU A 213 -4.61 -11.36 20.22
N TRP A 214 -4.17 -12.58 20.55
CA TRP A 214 -4.84 -13.42 21.58
C TRP A 214 -4.83 -12.70 22.92
N GLU A 215 -3.70 -12.10 23.32
CA GLU A 215 -3.60 -11.41 24.64
C GLU A 215 -4.64 -10.30 24.70
N VAL A 216 -4.81 -9.57 23.60
CA VAL A 216 -5.68 -8.36 23.57
C VAL A 216 -7.13 -8.84 23.56
N ALA A 217 -7.44 -9.81 22.72
CA ALA A 217 -8.83 -10.27 22.49
C ALA A 217 -9.42 -10.78 23.79
N ARG A 218 -8.63 -11.46 24.61
CA ARG A 218 -9.09 -11.95 25.92
C ARG A 218 -9.70 -10.81 26.76
N ARG A 219 -9.17 -9.60 26.64
CA ARG A 219 -9.59 -8.47 27.46
C ARG A 219 -10.75 -7.70 26.83
N MET A 220 -11.28 -8.15 25.72
CA MET A 220 -12.46 -7.53 25.06
C MET A 220 -13.72 -8.12 25.68
N VAL A 221 -14.63 -7.27 26.17
CA VAL A 221 -15.86 -7.73 26.87
C VAL A 221 -16.87 -8.18 25.80
N SER A 222 -17.54 -9.32 26.00
CA SER A 222 -18.74 -9.67 25.20
C SER A 222 -19.74 -10.32 26.13
N ASN A 223 -21.02 -9.95 26.00
N ASN A 223 -20.99 -9.87 26.04
CA ASN A 223 -22.11 -10.50 26.86
CA ASN A 223 -22.10 -10.49 26.81
C ASN A 223 -21.70 -10.45 28.34
C ASN A 223 -21.73 -10.45 28.31
N GLY A 224 -21.08 -9.37 28.79
CA GLY A 224 -20.71 -9.22 30.21
C GLY A 224 -19.57 -10.10 30.68
N ILE A 225 -18.85 -10.74 29.77
CA ILE A 225 -17.77 -11.71 30.10
C ILE A 225 -16.45 -11.13 29.56
N VAL A 226 -15.39 -11.38 30.31
CA VAL A 226 -14.01 -11.07 29.88
C VAL A 226 -13.10 -12.11 30.51
N GLU A 227 -12.00 -12.45 29.85
CA GLU A 227 -10.95 -13.24 30.51
C GLU A 227 -9.97 -12.31 31.26
N ASP A 228 -9.37 -12.81 32.32
CA ASP A 228 -8.27 -12.13 33.04
C ASP A 228 -7.09 -12.04 32.05
N TYR A 229 -6.26 -11.05 32.23
CA TYR A 229 -4.99 -10.97 31.48
C TYR A 229 -4.16 -12.21 31.87
N LYS A 230 -3.68 -12.88 30.82
CA LYS A 230 -2.64 -13.91 30.93
C LYS A 230 -1.70 -13.77 29.74
N PRO A 231 -0.43 -14.17 29.94
CA PRO A 231 0.51 -14.20 28.83
C PRO A 231 0.27 -15.47 28.03
N PRO A 232 0.69 -15.50 26.76
CA PRO A 232 0.51 -16.71 25.93
C PRO A 232 1.18 -17.89 26.65
N PHE A 233 0.50 -19.02 26.61
CA PHE A 233 1.00 -20.33 27.12
C PHE A 233 1.09 -20.33 28.64
N TYR A 234 0.39 -19.41 29.32
CA TYR A 234 0.43 -19.31 30.81
C TYR A 234 0.09 -20.65 31.45
N ASP A 235 -0.75 -21.43 30.82
CA ASP A 235 -1.31 -22.69 31.36
C ASP A 235 -0.47 -23.91 31.07
N VAL A 236 0.61 -23.79 30.31
CA VAL A 236 1.37 -24.98 29.88
C VAL A 236 2.87 -24.85 30.08
N VAL A 237 3.40 -23.66 30.42
CA VAL A 237 4.83 -23.47 30.68
C VAL A 237 4.99 -22.70 31.98
N PRO A 238 6.13 -22.84 32.66
CA PRO A 238 6.41 -22.00 33.83
C PRO A 238 6.68 -20.55 33.46
N ASN A 239 6.67 -19.70 34.48
CA ASN A 239 7.28 -18.37 34.32
C ASN A 239 8.71 -18.52 33.84
N ASP A 240 9.18 -17.61 32.98
CA ASP A 240 10.54 -17.64 32.44
C ASP A 240 10.80 -19.04 31.88
N PRO A 241 9.95 -19.46 30.92
CA PRO A 241 10.08 -20.79 30.37
C PRO A 241 11.41 -21.03 29.66
N SER A 242 11.94 -22.24 29.77
CA SER A 242 13.17 -22.56 29.03
C SER A 242 12.89 -22.72 27.55
N PHE A 243 13.93 -22.71 26.76
CA PHE A 243 13.85 -23.01 25.35
C PHE A 243 13.22 -24.40 25.17
N GLU A 244 13.64 -25.42 25.95
CA GLU A 244 13.08 -26.77 25.84
C GLU A 244 11.61 -26.78 26.25
N ASP A 245 11.25 -26.06 27.32
CA ASP A 245 9.84 -26.01 27.73
C ASP A 245 8.98 -25.55 26.55
N MET A 246 9.44 -24.50 25.89
CA MET A 246 8.68 -23.94 24.75
C MET A 246 8.67 -24.90 23.56
N ARG A 247 9.82 -25.53 23.26
CA ARG A 247 9.91 -26.45 22.13
C ARG A 247 8.94 -27.61 22.32
N LYS A 248 8.85 -28.17 23.52
CA LYS A 248 7.94 -29.30 23.73
CA LYS A 248 7.94 -29.31 23.73
C LYS A 248 6.50 -28.88 23.48
N VAL A 249 6.10 -27.72 23.98
CA VAL A 249 4.72 -27.24 23.84
C VAL A 249 4.42 -26.97 22.37
N VAL A 250 5.25 -26.17 21.72
CA VAL A 250 4.91 -25.59 20.41
C VAL A 250 5.23 -26.55 19.29
N CYS A 251 6.36 -27.26 19.40
CA CYS A 251 6.86 -28.10 18.30
C CYS A 251 6.41 -29.54 18.48
N VAL A 252 6.63 -30.10 19.63
CA VAL A 252 6.44 -31.57 19.78
C VAL A 252 4.95 -31.83 19.97
N ASP A 253 4.32 -31.17 20.93
CA ASP A 253 2.88 -31.39 21.16
C ASP A 253 2.01 -30.50 20.28
N GLN A 254 2.57 -29.43 19.73
CA GLN A 254 1.86 -28.53 18.75
C GLN A 254 0.64 -27.90 19.42
N GLN A 255 0.78 -27.50 20.69
CA GLN A 255 -0.30 -26.76 21.37
C GLN A 255 -0.35 -25.35 20.79
N ARG A 256 -1.53 -24.76 20.94
CA ARG A 256 -1.81 -23.36 20.60
C ARG A 256 -2.65 -22.76 21.70
N PRO A 257 -2.66 -21.43 21.85
CA PRO A 257 -3.52 -20.81 22.87
C PRO A 257 -4.99 -21.20 22.71
N ASN A 258 -5.65 -21.43 23.82
N ASN A 258 -5.64 -21.35 23.88
CA ASN A 258 -7.06 -21.87 23.74
CA ASN A 258 -7.09 -21.70 24.01
C ASN A 258 -7.96 -20.66 23.47
C ASN A 258 -7.95 -20.58 23.42
N ILE A 259 -8.98 -20.93 22.67
CA ILE A 259 -10.05 -19.95 22.32
C ILE A 259 -11.26 -20.28 23.18
N PRO A 260 -11.66 -19.40 24.13
CA PRO A 260 -12.83 -19.65 24.96
C PRO A 260 -14.12 -19.75 24.16
N ASN A 261 -15.03 -20.60 24.67
CA ASN A 261 -16.35 -20.73 24.03
C ASN A 261 -17.04 -19.38 23.87
N ARG A 262 -16.96 -18.52 24.85
CA ARG A 262 -17.72 -17.25 24.80
C ARG A 262 -17.34 -16.42 23.60
N TRP A 263 -16.16 -16.60 23.00
CA TRP A 263 -15.81 -15.80 21.81
C TRP A 263 -16.75 -16.12 20.64
N PHE A 264 -17.32 -17.33 20.60
CA PHE A 264 -18.09 -17.78 19.43
C PHE A 264 -19.52 -17.24 19.49
N SER A 265 -19.90 -16.53 20.55
CA SER A 265 -21.18 -15.76 20.62
C SER A 265 -20.97 -14.36 20.08
N ASP A 266 -19.73 -13.91 19.85
CA ASP A 266 -19.44 -12.49 19.54
C ASP A 266 -18.85 -12.42 18.15
N PRO A 267 -19.41 -11.67 17.18
CA PRO A 267 -18.89 -11.69 15.83
C PRO A 267 -17.44 -11.19 15.74
N THR A 268 -17.07 -10.17 16.51
CA THR A 268 -15.70 -9.63 16.46
C THR A 268 -14.71 -10.71 16.94
N LEU A 269 -15.00 -11.32 18.08
CA LEU A 269 -14.04 -12.31 18.63
C LEU A 269 -14.03 -13.56 17.76
N THR A 270 -15.15 -13.90 17.12
CA THR A 270 -15.16 -15.06 16.19
C THR A 270 -14.20 -14.76 15.05
N SER A 271 -14.29 -13.58 14.45
CA SER A 271 -13.39 -13.17 13.36
C SER A 271 -11.92 -13.14 13.84
N LEU A 272 -11.70 -12.61 15.03
CA LEU A 272 -10.32 -12.51 15.56
C LEU A 272 -9.73 -13.91 15.84
N ALA A 273 -10.55 -14.86 16.31
CA ALA A 273 -10.09 -16.24 16.52
C ALA A 273 -9.60 -16.81 15.19
N LYS A 274 -10.35 -16.60 14.11
CA LYS A 274 -9.95 -17.13 12.80
C LYS A 274 -8.62 -16.50 12.40
N LEU A 275 -8.50 -15.19 12.61
CA LEU A 275 -7.27 -14.48 12.23
C LEU A 275 -6.09 -15.04 13.01
N MET A 276 -6.20 -15.19 14.31
CA MET A 276 -5.04 -15.62 15.09
C MET A 276 -4.71 -17.07 14.70
N LYS A 277 -5.65 -17.95 14.34
CA LYS A 277 -5.36 -19.30 13.83
C LYS A 277 -4.48 -19.22 12.59
N GLU A 278 -4.70 -18.23 11.72
N GLU A 278 -4.73 -18.22 11.73
CA GLU A 278 -3.97 -18.13 10.44
CA GLU A 278 -4.03 -18.08 10.43
C GLU A 278 -2.60 -17.45 10.62
C GLU A 278 -2.68 -17.39 10.61
N CYS A 279 -2.30 -17.05 11.85
CA CYS A 279 -0.93 -16.59 12.22
C CYS A 279 -0.15 -17.73 12.86
N TRP A 280 -0.78 -18.86 13.18
CA TRP A 280 -0.14 -19.92 14.02
C TRP A 280 0.06 -21.22 13.28
N TYR A 281 -0.07 -21.23 11.97
CA TYR A 281 0.22 -22.45 11.21
C TYR A 281 1.65 -22.89 11.48
N GLN A 282 1.84 -24.22 11.62
CA GLN A 282 3.20 -24.80 11.76
CA GLN A 282 3.19 -24.82 11.78
C GLN A 282 4.03 -24.45 10.54
N ASN A 283 3.45 -24.52 9.34
CA ASN A 283 4.13 -24.17 8.09
C ASN A 283 4.19 -22.65 8.02
N PRO A 284 5.38 -22.06 8.14
CA PRO A 284 5.52 -20.61 8.14
C PRO A 284 4.91 -19.97 6.90
N SER A 285 5.06 -20.61 5.72
N SER A 285 5.04 -20.65 5.75
CA SER A 285 4.60 -19.99 4.45
CA SER A 285 4.59 -20.11 4.43
C SER A 285 3.06 -19.98 4.36
C SER A 285 3.08 -20.02 4.35
N ALA A 286 2.35 -20.71 5.23
CA ALA A 286 0.87 -20.70 5.27
C ALA A 286 0.33 -19.49 6.05
N ARG A 287 1.18 -18.85 6.86
CA ARG A 287 0.71 -17.76 7.71
C ARG A 287 0.31 -16.54 6.86
N LEU A 288 -0.65 -15.80 7.38
CA LEU A 288 -1.09 -14.51 6.75
C LEU A 288 0.09 -13.55 6.73
N THR A 289 0.06 -12.59 5.81
CA THR A 289 0.97 -11.45 5.81
C THR A 289 0.35 -10.31 6.62
N ALA A 290 1.20 -9.36 7.09
CA ALA A 290 0.72 -8.20 7.84
C ALA A 290 -0.28 -7.41 6.98
N LEU A 291 -0.02 -7.28 5.68
CA LEU A 291 -0.99 -6.55 4.81
C LEU A 291 -2.32 -7.27 4.76
N ARG A 292 -2.32 -8.60 4.70
N ARG A 292 -2.33 -8.60 4.71
CA ARG A 292 -3.62 -9.33 4.68
CA ARG A 292 -3.63 -9.32 4.66
C ARG A 292 -4.35 -9.17 6.02
C ARG A 292 -4.35 -9.19 6.03
N ILE A 293 -3.60 -9.22 7.13
CA ILE A 293 -4.19 -9.00 8.47
C ILE A 293 -4.86 -7.62 8.52
N LYS A 294 -4.18 -6.57 8.01
CA LYS A 294 -4.82 -5.24 7.99
C LYS A 294 -6.14 -5.25 7.25
N LYS A 295 -6.12 -5.84 6.05
CA LYS A 295 -7.35 -5.84 5.23
C LYS A 295 -8.46 -6.55 6.03
N THR A 296 -8.18 -7.73 6.59
CA THR A 296 -9.19 -8.45 7.35
C THR A 296 -9.69 -7.62 8.51
N LEU A 297 -8.81 -6.94 9.23
CA LEU A 297 -9.27 -6.17 10.38
C LEU A 297 -10.14 -5.00 9.92
N THR A 298 -9.89 -4.43 8.75
CA THR A 298 -10.73 -3.30 8.24
C THR A 298 -12.12 -3.78 7.84
N LYS A 299 -12.29 -5.08 7.58
CA LYS A 299 -13.61 -5.63 7.18
C LYS A 299 -14.34 -6.16 8.41
N ILE A 300 -13.77 -6.12 9.60
CA ILE A 300 -14.48 -6.56 10.84
C ILE A 300 -15.22 -5.36 11.42
N ASP A 301 -16.54 -5.53 11.63
CA ASP A 301 -17.47 -4.51 12.17
C ASP A 301 -17.66 -3.40 11.15
N ALA B 7 13.91 12.85 -43.92
CA ALA B 7 13.79 14.10 -43.09
C ALA B 7 13.46 13.72 -41.65
N ARG B 8 14.48 13.70 -40.78
CA ARG B 8 14.36 13.29 -39.35
C ARG B 8 14.30 14.51 -38.43
N ASP B 9 14.54 15.74 -38.93
CA ASP B 9 14.70 16.93 -38.04
C ASP B 9 13.37 17.35 -37.44
N ILE B 10 13.43 17.95 -36.24
CA ILE B 10 12.22 18.37 -35.47
C ILE B 10 12.50 19.73 -34.86
N THR B 11 11.55 20.66 -34.94
CA THR B 11 11.64 21.97 -34.27
C THR B 11 10.73 21.96 -33.03
N LEU B 12 11.25 22.27 -31.85
CA LEU B 12 10.41 22.37 -30.62
C LEU B 12 9.86 23.78 -30.56
N LEU B 13 8.55 23.91 -30.64
CA LEU B 13 7.87 25.23 -30.78
C LEU B 13 7.36 25.72 -29.44
N GLU B 14 6.68 24.88 -28.67
CA GLU B 14 6.16 25.36 -27.37
C GLU B 14 5.96 24.20 -26.40
N CYS B 15 6.22 24.50 -25.17
CA CYS B 15 6.06 23.53 -24.07
C CYS B 15 4.60 23.53 -23.66
N VAL B 16 3.89 22.42 -23.80
CA VAL B 16 2.45 22.32 -23.46
C VAL B 16 2.28 21.77 -22.04
N GLY B 17 3.32 21.28 -21.41
CA GLY B 17 3.25 20.85 -20.00
C GLY B 17 4.59 20.47 -19.42
N LYS B 18 4.82 20.76 -18.14
CA LYS B 18 5.97 20.28 -17.35
C LYS B 18 5.42 19.76 -16.05
N GLY B 19 5.87 18.59 -15.62
CA GLY B 19 5.38 17.95 -14.40
C GLY B 19 6.24 16.76 -14.04
N ARG B 20 5.69 15.89 -13.22
CA ARG B 20 6.46 14.74 -12.70
C ARG B 20 6.79 13.78 -13.85
N TYR B 21 6.04 13.86 -14.96
CA TYR B 21 6.22 13.07 -16.21
C TYR B 21 7.38 13.61 -17.05
N GLY B 22 7.99 14.74 -16.68
CA GLY B 22 9.00 15.40 -17.50
C GLY B 22 8.39 16.59 -18.22
N GLU B 23 8.50 16.67 -19.54
CA GLU B 23 7.95 17.82 -20.29
C GLU B 23 7.40 17.33 -21.59
N VAL B 24 6.35 17.95 -22.09
CA VAL B 24 5.85 17.68 -23.45
C VAL B 24 5.88 18.98 -24.24
N TRP B 25 6.38 18.87 -25.44
CA TRP B 25 6.49 19.97 -26.40
C TRP B 25 5.63 19.68 -27.62
N ARG B 26 5.02 20.75 -28.11
CA ARG B 26 4.51 20.75 -29.49
C ARG B 26 5.69 21.08 -30.39
N GLY B 27 5.99 20.21 -31.34
CA GLY B 27 7.08 20.45 -32.31
C GLY B 27 6.57 20.35 -33.72
N SER B 28 7.45 20.67 -34.66
CA SER B 28 7.17 20.58 -36.11
C SER B 28 8.10 19.54 -36.73
N TRP B 29 7.56 18.58 -37.50
CA TRP B 29 8.32 17.52 -38.22
C TRP B 29 7.64 17.25 -39.57
N GLN B 30 8.41 17.39 -40.67
CA GLN B 30 7.91 17.20 -42.05
C GLN B 30 6.61 18.02 -42.22
N GLY B 31 6.62 19.30 -41.83
CA GLY B 31 5.48 20.22 -42.01
C GLY B 31 4.33 20.01 -41.03
N GLU B 32 4.38 18.99 -40.17
CA GLU B 32 3.24 18.52 -39.33
C GLU B 32 3.56 18.76 -37.85
N ASN B 33 2.56 19.04 -37.02
CA ASN B 33 2.75 19.07 -35.55
C ASN B 33 3.06 17.64 -35.09
N VAL B 34 3.99 17.53 -34.14
CA VAL B 34 4.23 16.27 -33.42
C VAL B 34 4.31 16.65 -31.96
N ALA B 35 4.17 15.65 -31.09
CA ALA B 35 4.38 15.79 -29.65
C ALA B 35 5.73 15.17 -29.28
N VAL B 36 6.51 15.90 -28.52
CA VAL B 36 7.84 15.45 -28.09
C VAL B 36 7.84 15.45 -26.58
N LYS B 37 7.91 14.25 -25.98
CA LYS B 37 8.04 14.08 -24.52
C LYS B 37 9.49 13.85 -24.14
N ILE B 38 9.96 14.62 -23.19
CA ILE B 38 11.33 14.47 -22.64
C ILE B 38 11.14 13.97 -21.22
N PHE B 39 11.50 12.74 -20.96
CA PHE B 39 11.24 12.13 -19.65
C PHE B 39 12.10 12.77 -18.57
N SER B 40 11.59 12.68 -17.34
CA SER B 40 12.38 12.94 -16.13
C SER B 40 13.52 11.92 -16.09
N SER B 41 14.71 12.36 -15.73
CA SER B 41 15.88 11.46 -15.75
C SER B 41 15.75 10.31 -14.75
N ARG B 42 14.90 10.43 -13.72
CA ARG B 42 14.69 9.36 -12.70
C ARG B 42 13.52 8.47 -13.10
N ASP B 43 12.90 8.73 -14.25
CA ASP B 43 11.79 7.89 -14.74
C ASP B 43 12.21 7.13 -16.00
N GLU B 44 13.50 6.78 -16.06
CA GLU B 44 14.07 6.15 -17.25
C GLU B 44 13.37 4.82 -17.52
N LYS B 45 12.85 4.09 -16.52
CA LYS B 45 12.25 2.78 -16.74
C LYS B 45 10.91 2.94 -17.51
N SER B 46 10.23 4.06 -17.32
CA SER B 46 9.00 4.33 -18.08
C SER B 46 9.31 4.55 -19.55
N TRP B 47 10.35 5.31 -19.83
CA TRP B 47 10.77 5.54 -21.24
C TRP B 47 11.04 4.17 -21.90
N PHE B 48 11.80 3.33 -21.21
CA PHE B 48 12.19 2.06 -21.83
C PHE B 48 10.95 1.21 -22.05
N ARG B 49 10.01 1.17 -21.07
CA ARG B 49 8.82 0.34 -21.20
C ARG B 49 7.95 0.80 -22.38
N GLU B 50 7.77 2.12 -22.51
CA GLU B 50 6.95 2.63 -23.63
C GLU B 50 7.59 2.24 -24.94
N THR B 51 8.93 2.30 -24.95
CA THR B 51 9.70 1.93 -26.17
C THR B 51 9.48 0.44 -26.47
N GLU B 52 9.55 -0.42 -25.48
CA GLU B 52 9.27 -1.87 -25.67
C GLU B 52 7.85 -2.04 -26.23
N LEU B 53 6.89 -1.28 -25.69
CA LEU B 53 5.48 -1.46 -26.13
C LEU B 53 5.31 -0.99 -27.59
N TYR B 54 5.88 0.16 -27.93
CA TYR B 54 5.70 0.73 -29.27
C TYR B 54 6.54 0.03 -30.34
N ASN B 55 7.44 -0.87 -29.96
CA ASN B 55 8.13 -1.75 -30.95
C ASN B 55 7.11 -2.65 -31.66
N THR B 56 5.96 -2.90 -31.02
CA THR B 56 4.93 -3.82 -31.55
C THR B 56 4.11 -3.13 -32.64
N VAL B 57 4.31 -3.47 -33.92
CA VAL B 57 3.53 -2.88 -35.04
C VAL B 57 2.03 -3.07 -34.79
N MET B 58 1.58 -4.22 -34.30
CA MET B 58 0.11 -4.48 -34.14
C MET B 58 -0.49 -3.78 -32.91
N LEU B 59 0.30 -3.01 -32.18
CA LEU B 59 -0.29 -2.13 -31.13
C LEU B 59 -1.06 -0.98 -31.79
N ARG B 60 -0.69 -0.59 -32.99
CA ARG B 60 -1.28 0.56 -33.72
C ARG B 60 -2.82 0.43 -33.76
N HIS B 61 -3.50 1.51 -33.39
CA HIS B 61 -4.98 1.48 -33.27
C HIS B 61 -5.46 2.91 -33.19
N GLU B 62 -6.65 3.16 -33.74
CA GLU B 62 -7.23 4.52 -33.77
C GLU B 62 -7.35 5.08 -32.36
N ASN B 63 -7.52 4.23 -31.36
CA ASN B 63 -7.75 4.72 -29.98
C ASN B 63 -6.50 4.51 -29.10
N ILE B 64 -5.32 4.38 -29.68
CA ILE B 64 -4.03 4.35 -28.97
C ILE B 64 -3.17 5.44 -29.57
N LEU B 65 -2.57 6.26 -28.74
CA LEU B 65 -1.70 7.38 -29.20
C LEU B 65 -0.66 6.86 -30.19
N GLY B 66 -0.63 7.47 -31.38
CA GLY B 66 0.23 7.04 -32.48
C GLY B 66 1.71 7.40 -32.26
N PHE B 67 2.54 6.38 -32.39
CA PHE B 67 4.00 6.46 -32.21
C PHE B 67 4.73 6.90 -33.49
N ILE B 68 5.71 7.74 -33.34
CA ILE B 68 6.61 8.14 -34.44
C ILE B 68 8.04 7.62 -34.16
N ALA B 69 8.62 7.95 -33.01
CA ALA B 69 10.02 7.56 -32.74
C ALA B 69 10.30 7.60 -31.25
N SER B 70 11.35 6.89 -30.83
CA SER B 70 11.88 6.97 -29.47
C SER B 70 13.39 7.08 -29.56
N ASP B 71 13.96 7.93 -28.74
CA ASP B 71 15.42 8.11 -28.76
C ASP B 71 15.94 8.18 -27.35
N MET B 72 17.10 7.57 -27.14
CA MET B 72 17.94 7.85 -25.97
C MET B 72 19.23 8.44 -26.50
N THR B 73 19.59 9.64 -26.09
CA THR B 73 20.79 10.33 -26.60
C THR B 73 21.71 10.66 -25.44
N SER B 74 23.01 10.62 -25.64
CA SER B 74 23.93 10.98 -24.56
C SER B 74 25.25 11.49 -25.12
N ARG B 75 25.80 12.47 -24.41
CA ARG B 75 27.21 12.86 -24.51
C ARG B 75 27.71 13.04 -23.11
N HIS B 76 28.92 12.58 -22.83
CA HIS B 76 29.50 12.68 -21.49
C HIS B 76 28.52 12.05 -20.49
N SER B 77 28.15 12.70 -19.40
CA SER B 77 27.37 12.02 -18.35
C SER B 77 25.88 12.37 -18.44
N SER B 78 25.47 13.12 -19.44
N SER B 78 25.43 13.08 -19.47
CA SER B 78 24.08 13.60 -19.66
CA SER B 78 24.05 13.64 -19.65
C SER B 78 23.37 12.54 -20.52
C SER B 78 23.29 12.75 -20.65
N THR B 79 22.12 12.24 -20.24
CA THR B 79 21.26 11.43 -21.13
C THR B 79 19.92 12.13 -21.29
N GLN B 80 19.40 12.15 -22.49
CA GLN B 80 18.03 12.61 -22.75
C GLN B 80 17.22 11.43 -23.29
N LEU B 81 15.98 11.38 -22.85
CA LEU B 81 15.06 10.30 -23.24
C LEU B 81 13.84 10.94 -23.89
N TRP B 82 13.66 10.65 -25.16
CA TRP B 82 12.64 11.30 -25.99
C TRP B 82 11.62 10.28 -26.48
N LEU B 83 10.36 10.67 -26.49
CA LEU B 83 9.29 9.93 -27.20
C LEU B 83 8.57 10.90 -28.11
N ILE B 84 8.42 10.54 -29.37
CA ILE B 84 7.78 11.41 -30.39
C ILE B 84 6.54 10.72 -30.85
N THR B 85 5.39 11.40 -30.76
CA THR B 85 4.08 10.84 -31.13
C THR B 85 3.28 11.83 -31.98
N HIS B 86 2.13 11.37 -32.42
CA HIS B 86 1.10 12.29 -32.96
C HIS B 86 0.82 13.37 -31.92
N TYR B 87 0.42 14.54 -32.39
CA TYR B 87 0.02 15.68 -31.53
C TYR B 87 -1.48 15.89 -31.65
N HIS B 88 -2.18 15.93 -30.53
CA HIS B 88 -3.66 16.16 -30.49
C HIS B 88 -3.91 17.53 -29.88
N GLU B 89 -4.21 18.51 -30.75
CA GLU B 89 -4.24 19.90 -30.30
C GLU B 89 -5.39 20.19 -29.33
N MET B 90 -6.41 19.35 -29.26
CA MET B 90 -7.48 19.51 -28.24
C MET B 90 -7.01 19.07 -26.87
N GLY B 91 -5.82 18.47 -26.75
CA GLY B 91 -5.31 18.14 -25.42
C GLY B 91 -5.93 16.87 -24.84
N SER B 92 -5.83 16.75 -23.53
CA SER B 92 -6.31 15.54 -22.84
C SER B 92 -7.80 15.68 -22.57
N LEU B 93 -8.42 14.52 -22.32
CA LEU B 93 -9.82 14.49 -21.85
C LEU B 93 -9.97 15.32 -20.59
N TYR B 94 -9.04 15.29 -19.66
CA TYR B 94 -9.08 16.11 -18.46
C TYR B 94 -9.23 17.57 -18.86
N ASP B 95 -8.39 18.03 -19.78
CA ASP B 95 -8.47 19.45 -20.22
C ASP B 95 -9.83 19.73 -20.84
N TYR B 96 -10.28 18.87 -21.73
CA TYR B 96 -11.49 19.06 -22.55
C TYR B 96 -12.71 19.16 -21.67
N LEU B 97 -12.84 18.27 -20.70
CA LEU B 97 -14.02 18.24 -19.80
C LEU B 97 -14.12 19.48 -18.92
N GLN B 98 -13.02 20.21 -18.77
N GLN B 98 -13.10 20.30 -18.69
CA GLN B 98 -12.97 21.39 -17.86
CA GLN B 98 -13.27 21.48 -17.75
C GLN B 98 -13.99 22.39 -18.37
C GLN B 98 -13.93 22.66 -18.48
N LEU B 99 -14.06 22.54 -19.74
CA LEU B 99 -14.49 23.73 -20.52
C LEU B 99 -15.65 23.42 -21.46
N THR B 100 -16.10 22.17 -21.53
CA THR B 100 -17.09 21.69 -22.51
CA THR B 100 -17.23 21.86 -22.44
C THR B 100 -18.12 20.84 -21.77
N THR B 101 -19.38 20.99 -22.08
CA THR B 101 -20.39 19.98 -21.76
C THR B 101 -20.65 19.12 -22.99
N LEU B 102 -21.28 17.99 -22.74
CA LEU B 102 -21.50 16.94 -23.75
C LEU B 102 -22.98 16.69 -23.96
N ASP B 103 -23.34 16.34 -25.18
CA ASP B 103 -24.67 15.75 -25.39
C ASP B 103 -24.54 14.24 -25.37
N THR B 104 -25.62 13.52 -25.54
CA THR B 104 -25.66 12.06 -25.46
C THR B 104 -24.70 11.46 -26.48
N VAL B 105 -24.78 11.91 -27.74
CA VAL B 105 -23.96 11.34 -28.84
C VAL B 105 -22.47 11.55 -28.53
N SER B 106 -22.07 12.72 -28.09
N SER B 106 -22.08 12.74 -28.06
CA SER B 106 -20.65 13.03 -27.83
CA SER B 106 -20.65 13.10 -27.84
C SER B 106 -20.18 12.21 -26.63
C SER B 106 -20.11 12.45 -26.56
N CYS B 107 -20.97 12.18 -25.58
CA CYS B 107 -20.59 11.42 -24.35
C CYS B 107 -20.34 9.96 -24.75
N LEU B 108 -21.26 9.33 -25.46
CA LEU B 108 -21.12 7.91 -25.80
C LEU B 108 -19.95 7.73 -26.77
N ARG B 109 -19.73 8.63 -27.70
CA ARG B 109 -18.60 8.49 -28.63
C ARG B 109 -17.29 8.48 -27.84
N ILE B 110 -17.16 9.37 -26.86
CA ILE B 110 -15.92 9.46 -26.06
C ILE B 110 -15.77 8.13 -25.32
N VAL B 111 -16.77 7.72 -24.58
CA VAL B 111 -16.55 6.56 -23.67
C VAL B 111 -16.42 5.27 -24.47
N LEU B 112 -17.14 5.10 -25.57
CA LEU B 112 -16.96 3.91 -26.42
C LEU B 112 -15.57 3.93 -27.03
N SER B 113 -15.03 5.08 -27.42
CA SER B 113 -13.68 5.10 -28.02
C SER B 113 -12.63 4.62 -26.98
N ILE B 114 -12.81 5.05 -25.73
CA ILE B 114 -11.86 4.66 -24.66
C ILE B 114 -11.99 3.17 -24.41
N ALA B 115 -13.23 2.67 -24.35
CA ALA B 115 -13.45 1.23 -24.20
C ALA B 115 -12.82 0.45 -25.34
N SER B 116 -12.92 0.95 -26.56
N SER B 116 -12.92 0.96 -26.55
CA SER B 116 -12.36 0.26 -27.73
CA SER B 116 -12.38 0.29 -27.75
C SER B 116 -10.84 0.21 -27.60
C SER B 116 -10.85 0.24 -27.65
N GLY B 117 -10.21 1.32 -27.23
CA GLY B 117 -8.77 1.31 -26.98
C GLY B 117 -8.38 0.32 -25.91
N LEU B 118 -9.13 0.31 -24.83
CA LEU B 118 -8.76 -0.53 -23.67
C LEU B 118 -8.96 -1.99 -24.01
N ALA B 119 -10.03 -2.34 -24.69
CA ALA B 119 -10.23 -3.74 -25.13
C ALA B 119 -9.11 -4.12 -26.09
N HIS B 120 -8.71 -3.25 -26.99
CA HIS B 120 -7.60 -3.50 -27.91
C HIS B 120 -6.34 -3.79 -27.11
N LEU B 121 -6.04 -3.00 -26.07
CA LEU B 121 -4.86 -3.31 -25.24
C LEU B 121 -5.06 -4.67 -24.60
N HIS B 122 -6.16 -4.93 -23.95
CA HIS B 122 -6.32 -6.13 -23.09
C HIS B 122 -6.35 -7.42 -23.88
N ILE B 123 -6.75 -7.39 -25.15
CA ILE B 123 -6.95 -8.67 -25.91
C ILE B 123 -5.71 -8.96 -26.73
N GLU B 124 -5.18 -10.20 -26.59
CA GLU B 124 -3.98 -10.66 -27.35
C GLU B 124 -4.33 -10.85 -28.84
N ILE B 125 -3.44 -10.41 -29.73
CA ILE B 125 -3.50 -10.64 -31.21
C ILE B 125 -2.40 -11.66 -31.56
N PHE B 126 -2.81 -12.77 -32.19
CA PHE B 126 -1.97 -13.94 -32.60
C PHE B 126 -1.55 -13.81 -34.07
N GLY B 127 -0.29 -14.15 -34.42
CA GLY B 127 0.24 -14.07 -35.80
C GLY B 127 1.69 -13.62 -35.81
N THR B 128 2.39 -13.74 -36.96
CA THR B 128 3.84 -13.42 -37.10
C THR B 128 4.08 -12.00 -36.58
N GLN B 129 3.28 -11.04 -37.06
CA GLN B 129 3.11 -9.70 -36.43
C GLN B 129 1.96 -9.80 -35.41
N GLY B 130 2.29 -9.97 -34.13
CA GLY B 130 1.26 -10.12 -33.07
C GLY B 130 1.28 -8.97 -32.10
N LYS B 131 0.42 -9.02 -31.12
CA LYS B 131 0.48 -8.07 -29.98
C LYS B 131 0.13 -8.90 -28.75
N PRO B 132 0.94 -8.85 -27.70
CA PRO B 132 0.50 -9.50 -26.47
C PRO B 132 -0.74 -8.82 -25.85
N ALA B 133 -1.39 -9.48 -24.89
CA ALA B 133 -2.37 -8.82 -23.98
C ALA B 133 -1.55 -7.80 -23.18
N ILE B 134 -2.14 -6.61 -22.99
CA ILE B 134 -1.46 -5.46 -22.33
C ILE B 134 -2.40 -4.84 -21.32
N ALA B 135 -1.96 -4.69 -20.08
CA ALA B 135 -2.64 -3.89 -19.06
C ALA B 135 -1.84 -2.60 -18.90
N HIS B 136 -2.59 -1.49 -18.83
CA HIS B 136 -2.04 -0.12 -18.87
C HIS B 136 -1.39 0.30 -17.52
N ARG B 137 -2.18 0.18 -16.46
CA ARG B 137 -1.81 0.40 -15.03
C ARG B 137 -1.78 1.87 -14.64
N ASP B 138 -2.02 2.81 -15.54
CA ASP B 138 -2.11 4.24 -15.12
C ASP B 138 -3.19 4.95 -15.94
N LEU B 139 -4.33 4.34 -16.10
CA LEU B 139 -5.38 4.96 -16.91
C LEU B 139 -5.99 6.09 -16.08
N LYS B 140 -6.18 7.25 -16.74
CA LYS B 140 -6.77 8.43 -16.09
C LYS B 140 -7.08 9.44 -17.18
N SER B 141 -7.87 10.46 -16.88
CA SER B 141 -8.32 11.40 -17.94
C SER B 141 -7.16 12.25 -18.47
N LYS B 142 -6.05 12.46 -17.75
CA LYS B 142 -4.88 13.18 -18.32
C LYS B 142 -4.10 12.26 -19.30
N ASN B 143 -4.30 10.96 -19.26
CA ASN B 143 -3.60 10.01 -20.16
C ASN B 143 -4.51 9.55 -21.28
N ILE B 144 -5.55 10.32 -21.58
CA ILE B 144 -6.46 10.10 -22.73
C ILE B 144 -6.47 11.42 -23.51
N LEU B 145 -6.24 11.34 -24.80
CA LEU B 145 -6.25 12.53 -25.67
C LEU B 145 -7.52 12.56 -26.50
N VAL B 146 -7.98 13.79 -26.73
CA VAL B 146 -9.20 14.03 -27.53
C VAL B 146 -8.79 14.35 -28.96
N LYS B 147 -9.44 13.67 -29.88
CA LYS B 147 -9.16 13.79 -31.32
C LYS B 147 -10.29 14.60 -31.96
N LYS B 148 -9.94 15.23 -33.06
CA LYS B 148 -10.89 16.17 -33.74
C LYS B 148 -12.12 15.43 -34.25
N ASN B 149 -12.07 14.11 -34.46
CA ASN B 149 -13.26 13.30 -34.80
C ASN B 149 -14.18 12.96 -33.60
N GLY B 150 -13.87 13.44 -32.41
CA GLY B 150 -14.70 13.22 -31.22
C GLY B 150 -14.41 11.94 -30.47
N GLN B 151 -13.59 11.13 -31.04
CA GLN B 151 -13.07 9.97 -30.28
C GLN B 151 -11.79 10.36 -29.56
N CYS B 152 -11.38 9.47 -28.69
CA CYS B 152 -10.20 9.62 -27.84
C CYS B 152 -9.17 8.55 -28.17
N CYS B 153 -7.96 8.79 -27.69
CA CYS B 153 -6.92 7.75 -27.70
C CYS B 153 -6.20 7.69 -26.35
N ILE B 154 -5.83 6.47 -26.02
CA ILE B 154 -5.14 6.18 -24.74
C ILE B 154 -3.64 6.35 -24.94
N ALA B 155 -3.02 6.98 -23.95
CA ALA B 155 -1.58 7.31 -23.96
C ALA B 155 -0.91 6.87 -22.68
N ASP B 156 0.40 6.87 -22.73
CA ASP B 156 1.34 6.70 -21.57
C ASP B 156 1.34 5.25 -21.11
N LEU B 157 2.20 4.48 -21.77
CA LEU B 157 2.28 3.03 -21.53
C LEU B 157 3.48 2.71 -20.67
N GLY B 158 4.00 3.67 -19.89
CA GLY B 158 5.22 3.42 -19.09
C GLY B 158 5.11 2.41 -17.99
N LEU B 159 3.91 2.11 -17.51
CA LEU B 159 3.69 1.14 -16.43
C LEU B 159 3.08 -0.13 -17.00
N ALA B 160 2.96 -0.26 -18.31
CA ALA B 160 2.22 -1.41 -18.91
C ALA B 160 2.86 -2.76 -18.58
N VAL B 161 2.01 -3.75 -18.48
CA VAL B 161 2.37 -5.18 -18.25
C VAL B 161 1.88 -5.97 -19.46
N MET B 162 2.68 -6.95 -19.88
CA MET B 162 2.35 -7.71 -21.12
C MET B 162 2.21 -9.18 -20.75
N HIS B 163 1.32 -9.87 -21.44
CA HIS B 163 1.11 -11.31 -21.18
C HIS B 163 0.84 -11.98 -22.52
N SER B 164 1.44 -13.16 -22.74
CA SER B 164 1.10 -13.99 -23.93
C SER B 164 0.54 -15.34 -23.46
N GLN B 165 -0.75 -15.64 -23.68
CA GLN B 165 -1.36 -16.95 -23.27
C GLN B 165 -0.72 -18.06 -24.10
N SER B 166 -0.33 -17.70 -25.30
CA SER B 166 0.15 -18.60 -26.37
C SER B 166 1.46 -19.25 -25.90
N THR B 167 2.27 -18.54 -25.12
CA THR B 167 3.60 -19.00 -24.65
C THR B 167 3.69 -19.01 -23.12
N ASN B 168 2.62 -18.63 -22.43
CA ASN B 168 2.55 -18.59 -20.95
C ASN B 168 3.64 -17.67 -20.39
N GLN B 169 3.78 -16.46 -20.94
CA GLN B 169 4.84 -15.49 -20.52
C GLN B 169 4.17 -14.24 -19.95
N LEU B 170 4.61 -13.79 -18.78
CA LEU B 170 4.14 -12.56 -18.11
C LEU B 170 5.33 -11.63 -17.92
N ASP B 171 5.23 -10.41 -18.44
CA ASP B 171 6.32 -9.43 -18.31
C ASP B 171 5.81 -8.25 -17.49
N VAL B 172 6.16 -8.17 -16.21
CA VAL B 172 5.66 -7.08 -15.30
C VAL B 172 6.61 -5.87 -15.29
N GLY B 173 7.81 -5.98 -15.86
CA GLY B 173 8.83 -4.91 -15.80
C GLY B 173 9.43 -4.76 -14.41
N ASN B 174 10.25 -3.71 -14.18
CA ASN B 174 10.93 -3.42 -12.87
C ASN B 174 10.74 -1.93 -12.46
N ASN B 175 9.58 -1.36 -12.68
CA ASN B 175 9.44 0.12 -12.61
C ASN B 175 9.03 0.50 -11.19
N PRO B 176 9.75 1.42 -10.53
CA PRO B 176 9.42 1.81 -9.16
C PRO B 176 8.18 2.72 -9.12
N ARG B 177 7.86 3.37 -10.24
CA ARG B 177 6.75 4.33 -10.26
C ARG B 177 5.45 3.54 -10.11
N VAL B 178 4.53 4.07 -9.29
CA VAL B 178 3.19 3.50 -9.11
C VAL B 178 2.15 4.37 -9.81
N GLY B 179 0.99 3.78 -9.96
CA GLY B 179 -0.12 4.46 -10.64
C GLY B 179 -0.52 5.74 -9.94
N THR B 180 -1.25 6.56 -10.65
CA THR B 180 -1.75 7.83 -10.08
C THR B 180 -2.65 7.53 -8.89
N LYS B 181 -2.37 8.14 -7.73
CA LYS B 181 -2.99 7.65 -6.47
C LYS B 181 -4.51 7.79 -6.49
N ARG B 182 -5.03 8.85 -7.09
CA ARG B 182 -6.50 9.08 -7.05
C ARG B 182 -7.25 7.95 -7.77
N TYR B 183 -6.60 7.28 -8.74
CA TYR B 183 -7.22 6.25 -9.57
C TYR B 183 -6.90 4.81 -9.15
N MET B 184 -6.18 4.65 -8.04
CA MET B 184 -5.72 3.31 -7.64
C MET B 184 -6.88 2.47 -7.13
N ALA B 185 -7.00 1.23 -7.61
CA ALA B 185 -8.00 0.27 -7.15
C ALA B 185 -7.76 -0.10 -5.68
N PRO B 186 -8.79 -0.61 -4.99
CA PRO B 186 -8.62 -0.99 -3.59
C PRO B 186 -7.46 -1.97 -3.37
N GLU B 187 -7.27 -2.94 -4.23
CA GLU B 187 -6.22 -3.97 -4.05
C GLU B 187 -4.85 -3.36 -4.30
N VAL B 188 -4.74 -2.25 -5.02
CA VAL B 188 -3.46 -1.53 -5.14
C VAL B 188 -3.22 -0.73 -3.86
N LEU B 189 -4.26 -0.08 -3.34
CA LEU B 189 -4.09 0.76 -2.14
C LEU B 189 -3.83 -0.10 -0.91
N ASP B 190 -4.39 -1.30 -0.84
CA ASP B 190 -4.18 -2.16 0.35
C ASP B 190 -3.03 -3.11 0.08
N GLU B 191 -2.43 -3.06 -1.11
CA GLU B 191 -1.19 -3.82 -1.45
C GLU B 191 -1.50 -5.31 -1.35
N THR B 192 -2.71 -5.78 -1.52
CA THR B 192 -3.01 -7.23 -1.62
C THR B 192 -3.07 -7.74 -3.07
N ILE B 193 -3.02 -6.87 -4.05
CA ILE B 193 -3.00 -7.32 -5.47
C ILE B 193 -2.00 -8.47 -5.69
N GLN B 194 -2.47 -9.42 -6.50
CA GLN B 194 -1.72 -10.66 -6.84
C GLN B 194 -0.77 -10.30 -7.97
N VAL B 195 0.49 -10.02 -7.69
CA VAL B 195 1.44 -9.38 -8.64
C VAL B 195 1.89 -10.32 -9.78
N ASP B 196 1.66 -11.62 -9.63
CA ASP B 196 2.08 -12.68 -10.60
C ASP B 196 0.90 -13.06 -11.47
N CYS B 197 -0.19 -12.29 -11.44
CA CYS B 197 -1.48 -12.65 -12.06
C CYS B 197 -1.86 -11.56 -13.07
N PHE B 198 -1.80 -11.85 -14.36
CA PHE B 198 -2.06 -10.83 -15.40
C PHE B 198 -3.49 -10.30 -15.24
N ASP B 199 -4.46 -11.14 -14.97
CA ASP B 199 -5.85 -10.69 -14.83
C ASP B 199 -5.92 -9.61 -13.76
N SER B 200 -5.13 -9.69 -12.72
CA SER B 200 -5.21 -8.64 -11.66
C SER B 200 -4.93 -7.28 -12.31
N TYR B 201 -3.99 -7.14 -13.21
CA TYR B 201 -3.68 -5.81 -13.79
C TYR B 201 -4.81 -5.32 -14.69
N LYS B 202 -5.45 -6.22 -15.43
CA LYS B 202 -6.60 -5.80 -16.27
C LYS B 202 -7.68 -5.25 -15.34
N ARG B 203 -7.91 -5.87 -14.18
CA ARG B 203 -8.98 -5.48 -13.28
C ARG B 203 -8.67 -4.12 -12.65
N VAL B 204 -7.40 -3.78 -12.49
CA VAL B 204 -6.99 -2.44 -12.03
C VAL B 204 -7.37 -1.40 -13.09
N ASP B 205 -7.19 -1.73 -14.35
CA ASP B 205 -7.57 -0.82 -15.46
C ASP B 205 -9.08 -0.62 -15.47
N ILE B 206 -9.84 -1.67 -15.19
CA ILE B 206 -11.31 -1.58 -15.20
C ILE B 206 -11.78 -0.61 -14.12
N TRP B 207 -11.23 -0.72 -12.93
CA TRP B 207 -11.53 0.22 -11.85
C TRP B 207 -11.31 1.65 -12.36
N ALA B 208 -10.12 1.93 -12.86
CA ALA B 208 -9.77 3.28 -13.29
C ALA B 208 -10.70 3.72 -14.44
N PHE B 209 -11.01 2.82 -15.36
CA PHE B 209 -11.92 3.20 -16.45
CA PHE B 209 -11.96 3.11 -16.46
C PHE B 209 -13.28 3.60 -15.86
N GLY B 210 -13.78 2.89 -14.85
CA GLY B 210 -15.04 3.32 -14.21
C GLY B 210 -14.94 4.73 -13.72
N LEU B 211 -13.83 5.12 -13.12
CA LEU B 211 -13.65 6.48 -12.63
C LEU B 211 -13.69 7.46 -13.82
N VAL B 212 -13.01 7.15 -14.92
CA VAL B 212 -13.02 8.03 -16.10
C VAL B 212 -14.46 8.14 -16.64
N LEU B 213 -15.21 7.04 -16.67
N LEU B 213 -15.21 7.06 -16.63
CA LEU B 213 -16.62 7.06 -17.13
CA LEU B 213 -16.58 7.09 -17.17
C LEU B 213 -17.37 8.10 -16.29
C LEU B 213 -17.47 7.99 -16.29
N TRP B 214 -17.23 8.03 -14.97
CA TRP B 214 -17.90 8.96 -14.05
C TRP B 214 -17.48 10.40 -14.37
N GLU B 215 -16.21 10.68 -14.62
CA GLU B 215 -15.72 12.05 -14.90
C GLU B 215 -16.44 12.57 -16.14
N VAL B 216 -16.56 11.73 -17.14
CA VAL B 216 -17.19 12.10 -18.45
C VAL B 216 -18.69 12.31 -18.24
N ALA B 217 -19.35 11.33 -17.64
CA ALA B 217 -20.82 11.36 -17.51
C ALA B 217 -21.28 12.58 -16.75
N ARG B 218 -20.56 13.10 -15.81
CA ARG B 218 -20.89 14.33 -15.06
C ARG B 218 -21.08 15.50 -16.03
N ARG B 219 -20.37 15.50 -17.13
CA ARG B 219 -20.36 16.61 -18.10
C ARG B 219 -21.40 16.41 -19.17
N MET B 220 -22.17 15.36 -19.16
CA MET B 220 -23.24 15.14 -20.15
C MET B 220 -24.53 15.80 -19.65
N VAL B 221 -25.08 16.72 -20.43
CA VAL B 221 -26.31 17.45 -20.02
C VAL B 221 -27.51 16.50 -20.09
N SER B 222 -28.39 16.60 -19.10
CA SER B 222 -29.74 15.99 -19.17
C SER B 222 -30.71 16.94 -18.50
N ASN B 223 -31.86 17.17 -19.16
CA ASN B 223 -32.94 17.97 -18.57
C ASN B 223 -32.40 19.34 -18.09
N GLY B 224 -31.44 19.91 -18.85
CA GLY B 224 -30.92 21.24 -18.56
C GLY B 224 -29.96 21.28 -17.38
N ILE B 225 -29.51 20.11 -16.88
CA ILE B 225 -28.65 20.01 -15.67
C ILE B 225 -27.32 19.36 -16.12
N VAL B 226 -26.23 19.84 -15.56
CA VAL B 226 -24.91 19.17 -15.74
C VAL B 226 -24.16 19.39 -14.44
N GLU B 227 -23.22 18.51 -14.10
CA GLU B 227 -22.30 18.78 -12.97
C GLU B 227 -21.02 19.47 -13.47
N ASP B 228 -20.39 20.22 -12.57
CA ASP B 228 -19.06 20.79 -12.83
C ASP B 228 -18.06 19.64 -12.93
N TYR B 229 -17.03 19.84 -13.71
CA TYR B 229 -15.89 18.91 -13.72
C TYR B 229 -15.36 18.78 -12.29
N LYS B 230 -15.16 17.53 -11.87
CA LYS B 230 -14.41 17.21 -10.65
C LYS B 230 -13.64 15.91 -10.88
N PRO B 231 -12.45 15.79 -10.28
CA PRO B 231 -11.72 14.54 -10.32
C PRO B 231 -12.30 13.53 -9.35
N PRO B 232 -12.08 12.23 -9.56
CA PRO B 232 -12.57 11.22 -8.62
C PRO B 232 -12.12 11.53 -7.19
N PHE B 233 -13.09 11.37 -6.30
CA PHE B 233 -12.90 11.48 -4.83
C PHE B 233 -12.59 12.91 -4.40
N TYR B 234 -12.94 13.93 -5.21
CA TYR B 234 -12.62 15.35 -4.94
C TYR B 234 -13.15 15.74 -3.55
N ASP B 235 -14.27 15.19 -3.12
CA ASP B 235 -15.01 15.66 -1.93
C ASP B 235 -14.49 15.03 -0.66
N VAL B 236 -13.72 13.95 -0.72
CA VAL B 236 -13.47 13.11 0.47
C VAL B 236 -12.00 13.03 0.84
N VAL B 237 -11.08 13.50 0.02
CA VAL B 237 -9.63 13.48 0.31
C VAL B 237 -9.08 14.90 0.27
N PRO B 238 -7.93 15.14 0.93
CA PRO B 238 -7.22 16.38 0.77
C PRO B 238 -6.82 16.61 -0.69
N ASN B 239 -6.53 17.88 -0.97
CA ASN B 239 -5.82 18.23 -2.20
C ASN B 239 -4.51 17.44 -2.24
N ASP B 240 -4.12 17.01 -3.40
CA ASP B 240 -2.84 16.31 -3.61
C ASP B 240 -2.82 15.11 -2.66
N PRO B 241 -3.82 14.22 -2.73
CA PRO B 241 -3.94 13.15 -1.76
C PRO B 241 -2.75 12.19 -1.72
N SER B 242 -2.42 11.77 -0.54
CA SER B 242 -1.38 10.76 -0.32
C SER B 242 -1.95 9.36 -0.64
N PHE B 243 -1.06 8.40 -0.74
CA PHE B 243 -1.41 6.98 -0.83
C PHE B 243 -2.35 6.60 0.32
N GLU B 244 -1.96 6.96 1.57
CA GLU B 244 -2.78 6.61 2.72
C GLU B 244 -4.11 7.34 2.70
N ASP B 245 -4.14 8.59 2.21
CA ASP B 245 -5.42 9.31 2.09
C ASP B 245 -6.38 8.49 1.24
N MET B 246 -5.86 8.01 0.10
CA MET B 246 -6.68 7.22 -0.82
C MET B 246 -7.11 5.90 -0.22
N ARG B 247 -6.18 5.22 0.42
CA ARG B 247 -6.48 3.94 1.08
C ARG B 247 -7.61 4.14 2.10
N LYS B 248 -7.54 5.25 2.85
CA LYS B 248 -8.58 5.51 3.85
C LYS B 248 -9.96 5.50 3.17
N VAL B 249 -10.11 6.29 2.12
CA VAL B 249 -11.48 6.49 1.58
C VAL B 249 -11.92 5.23 0.81
N VAL B 250 -11.03 4.65 0.00
CA VAL B 250 -11.43 3.53 -0.88
C VAL B 250 -11.54 2.25 -0.07
N CYS B 251 -10.55 1.96 0.77
CA CYS B 251 -10.46 0.66 1.45
C CYS B 251 -11.16 0.72 2.83
N VAL B 252 -10.83 1.68 3.68
CA VAL B 252 -11.37 1.73 5.07
C VAL B 252 -12.84 2.17 4.96
N ASP B 253 -13.11 3.27 4.27
CA ASP B 253 -14.46 3.91 4.23
C ASP B 253 -15.33 3.30 3.14
N GLN B 254 -14.79 2.48 2.26
CA GLN B 254 -15.52 1.77 1.16
C GLN B 254 -16.22 2.78 0.28
N GLN B 255 -15.62 3.93 0.03
CA GLN B 255 -16.27 5.01 -0.76
C GLN B 255 -16.11 4.70 -2.25
N ARG B 256 -17.14 5.10 -2.97
CA ARG B 256 -17.14 5.16 -4.45
C ARG B 256 -17.66 6.52 -4.84
N PRO B 257 -17.38 6.98 -6.07
CA PRO B 257 -17.98 8.25 -6.52
C PRO B 257 -19.50 8.20 -6.46
N ASN B 258 -20.07 9.31 -5.98
CA ASN B 258 -21.54 9.41 -5.84
C ASN B 258 -22.18 9.62 -7.22
N ILE B 259 -23.30 8.98 -7.41
CA ILE B 259 -24.12 9.14 -8.63
C ILE B 259 -25.11 10.26 -8.39
N PRO B 260 -25.04 11.37 -9.12
CA PRO B 260 -26.02 12.44 -8.97
C PRO B 260 -27.41 11.87 -9.28
N ASN B 261 -28.40 12.20 -8.44
CA ASN B 261 -29.75 11.66 -8.65
C ASN B 261 -30.36 12.11 -9.99
N ARG B 262 -29.94 13.24 -10.53
CA ARG B 262 -30.48 13.69 -11.84
C ARG B 262 -30.20 12.68 -12.93
N TRP B 263 -29.14 11.87 -12.83
CA TRP B 263 -28.83 10.87 -13.85
C TRP B 263 -30.00 9.88 -14.05
N PHE B 264 -30.72 9.56 -12.98
CA PHE B 264 -31.72 8.46 -13.03
C PHE B 264 -32.92 8.90 -13.86
N SER B 265 -33.06 10.19 -14.19
CA SER B 265 -34.14 10.65 -15.10
C SER B 265 -33.76 10.43 -16.56
N ASP B 266 -32.49 10.13 -16.88
CA ASP B 266 -31.98 10.03 -18.26
C ASP B 266 -31.61 8.59 -18.55
N PRO B 267 -32.12 7.92 -19.60
CA PRO B 267 -31.81 6.51 -19.77
C PRO B 267 -30.33 6.26 -20.01
N THR B 268 -29.64 7.14 -20.73
CA THR B 268 -28.21 7.01 -21.05
C THR B 268 -27.40 7.03 -19.75
N LEU B 269 -27.64 8.05 -18.95
CA LEU B 269 -26.87 8.20 -17.70
C LEU B 269 -27.25 7.09 -16.73
N THR B 270 -28.49 6.63 -16.71
CA THR B 270 -28.86 5.46 -15.86
C THR B 270 -28.03 4.27 -16.31
N SER B 271 -27.93 3.98 -17.60
CA SER B 271 -27.13 2.82 -18.11
C SER B 271 -25.66 3.05 -17.76
N LEU B 272 -25.14 4.27 -17.86
CA LEU B 272 -23.71 4.48 -17.56
C LEU B 272 -23.45 4.31 -16.06
N ALA B 273 -24.36 4.75 -15.19
CA ALA B 273 -24.21 4.56 -13.74
C ALA B 273 -24.13 3.07 -13.45
N LYS B 274 -24.96 2.27 -14.08
CA LYS B 274 -24.95 0.81 -13.86
C LYS B 274 -23.60 0.26 -14.30
N LEU B 275 -23.07 0.76 -15.39
N LEU B 275 -23.06 0.70 -15.44
CA LEU B 275 -21.80 0.27 -15.96
CA LEU B 275 -21.73 0.24 -15.92
C LEU B 275 -20.64 0.66 -15.04
C LEU B 275 -20.66 0.62 -14.91
N MET B 276 -20.61 1.87 -14.51
CA MET B 276 -19.50 2.28 -13.66
C MET B 276 -19.60 1.53 -12.31
N LYS B 277 -20.78 1.20 -11.79
CA LYS B 277 -20.85 0.38 -10.56
C LYS B 277 -20.25 -1.00 -10.80
N GLU B 278 -20.37 -1.58 -11.98
CA GLU B 278 -19.81 -2.90 -12.27
C GLU B 278 -18.31 -2.86 -12.56
N CYS B 279 -17.72 -1.67 -12.57
CA CYS B 279 -16.26 -1.49 -12.61
C CYS B 279 -15.68 -1.33 -11.20
N TRP B 280 -16.50 -1.13 -10.17
CA TRP B 280 -16.11 -0.65 -8.83
C TRP B 280 -16.31 -1.71 -7.74
N TYR B 281 -16.62 -2.93 -8.08
CA TYR B 281 -16.71 -4.00 -7.05
C TYR B 281 -15.38 -4.07 -6.30
N GLN B 282 -15.40 -4.27 -4.98
CA GLN B 282 -14.15 -4.47 -4.21
C GLN B 282 -13.53 -5.81 -4.66
N ASN B 283 -14.33 -6.82 -4.94
CA ASN B 283 -13.85 -8.10 -5.49
C ASN B 283 -13.42 -7.88 -6.95
N PRO B 284 -12.12 -7.91 -7.27
CA PRO B 284 -11.68 -7.57 -8.62
C PRO B 284 -12.30 -8.50 -9.64
N SER B 285 -12.48 -9.79 -9.30
CA SER B 285 -12.99 -10.77 -10.28
C SER B 285 -14.47 -10.55 -10.63
N ALA B 286 -15.20 -9.76 -9.86
CA ALA B 286 -16.62 -9.42 -10.14
C ALA B 286 -16.70 -8.33 -11.21
N ARG B 287 -15.62 -7.58 -11.43
CA ARG B 287 -15.69 -6.43 -12.36
C ARG B 287 -15.88 -6.90 -13.79
N LEU B 288 -16.53 -6.06 -14.59
CA LEU B 288 -16.72 -6.34 -16.03
C LEU B 288 -15.38 -6.39 -16.75
N THR B 289 -15.30 -7.05 -17.88
CA THR B 289 -14.13 -7.03 -18.78
C THR B 289 -14.24 -5.82 -19.72
N ALA B 290 -13.12 -5.43 -20.30
CA ALA B 290 -13.09 -4.34 -21.26
C ALA B 290 -13.95 -4.69 -22.48
N LEU B 291 -13.89 -5.94 -22.91
CA LEU B 291 -14.73 -6.35 -24.08
C LEU B 291 -16.23 -6.18 -23.73
N ARG B 292 -16.65 -6.58 -22.54
CA ARG B 292 -18.07 -6.48 -22.11
C ARG B 292 -18.45 -5.02 -22.02
N ILE B 293 -17.57 -4.15 -21.50
CA ILE B 293 -17.89 -2.72 -21.44
C ILE B 293 -18.07 -2.21 -22.87
N LYS B 294 -17.17 -2.55 -23.77
CA LYS B 294 -17.29 -2.08 -25.18
C LYS B 294 -18.62 -2.54 -25.80
N LYS B 295 -18.98 -3.79 -25.59
CA LYS B 295 -20.24 -4.33 -26.14
C LYS B 295 -21.41 -3.60 -25.53
N THR B 296 -21.40 -3.36 -24.23
CA THR B 296 -22.50 -2.62 -23.57
C THR B 296 -22.62 -1.21 -24.14
N LEU B 297 -21.52 -0.48 -24.30
CA LEU B 297 -21.56 0.91 -24.80
C LEU B 297 -21.98 0.94 -26.27
N THR B 298 -21.71 -0.12 -27.01
CA THR B 298 -22.09 -0.23 -28.43
C THR B 298 -23.61 -0.26 -28.51
N LYS B 299 -24.27 -0.85 -27.50
CA LYS B 299 -25.75 -1.05 -27.46
C LYS B 299 -26.49 0.14 -26.83
N ILE B 300 -25.86 0.94 -25.94
CA ILE B 300 -26.50 2.08 -25.23
C ILE B 300 -26.71 3.23 -26.22
C10 LU8 C . 7.43 4.49 28.38
C10 LU8 C . 7.30 3.74 28.24
C13 LU8 C . 5.82 2.87 31.57
C13 LU8 C . 5.68 1.75 31.07
C15 LU8 C . 4.65 3.89 33.57
C15 LU8 C . 4.53 2.50 33.26
C17 LU8 C . 3.63 5.60 35.32
C17 LU8 C . 4.76 2.74 35.74
C20 LU8 C . 2.50 3.44 34.65
C20 LU8 C . 3.50 0.87 34.85
C21 LU8 C . 3.17 3.74 33.31
C21 LU8 C . 4.02 1.07 33.43
C22 LU8 C . 5.63 5.22 31.65
C22 LU8 C . 5.54 4.06 31.60
C24 LU8 C . 8.44 3.68 27.86
C24 LU8 C . 8.39 3.09 27.66
C26 LU8 C . 9.80 1.80 25.73
C26 LU8 C . 9.93 1.57 25.33
C01 LU8 C . 13.69 4.86 24.72
C01 LU8 C . 13.54 4.97 24.93
C03 LU8 C . 12.14 3.00 24.81
C03 LU8 C . 12.25 2.93 24.84
C04 LU8 C . 11.15 3.77 25.45
C04 LU8 C . 11.20 3.59 25.47
C05 LU8 C . 10.01 3.17 25.90
C05 LU8 C . 10.04 2.90 25.73
C06 LU8 C . 8.93 3.95 26.58
C06 LU8 C . 8.87 3.54 26.41
C07 LU8 C . 8.41 5.03 25.90
C07 LU8 C . 8.30 4.69 25.86
C09 LU8 C . 6.92 5.56 27.61
C09 LU8 C . 6.73 4.83 27.59
C11 LU8 C . 6.77 4.27 29.75
C11 LU8 C . 6.64 3.36 29.54
C12 LU8 C . 6.49 3.01 30.31
C12 LU8 C . 6.32 2.05 29.87
C14 LU8 C . 5.40 4.00 32.25
C14 LU8 C . 5.26 2.76 31.95
C16 LU8 C . 4.87 5.04 34.58
C16 LU8 C . 5.46 2.93 34.39
C19 LU8 C . 2.02 4.45 36.80
C19 LU8 C . 5.75 0.52 35.68
C23 LU8 C . 6.31 5.37 30.44
C23 LU8 C . 6.19 4.37 30.39
C25 LU8 C . 9.06 2.53 28.64
C25 LU8 C . 9.06 1.90 28.34
C27 LU8 C . 10.81 1.04 25.11
C27 LU8 C . 11.00 0.91 24.70
C29 LU8 C . 9.51 -1.00 25.22
C29 LU8 C . 9.94 -1.31 24.74
C30 LU8 C . 11.97 1.62 24.69
C30 LU8 C . 12.15 1.60 24.48
C32 LU8 C . 13.06 0.94 22.66
C32 LU8 C . 13.25 1.17 22.47
N08 LU8 C . 7.44 5.81 26.40
N08 LU8 C . 7.23 5.26 26.41
N18 LU8 C . 2.42 4.72 35.39
N18 LU8 C . 4.52 1.29 35.85
O02 LU8 C . 13.34 3.52 24.34
O02 LU8 C . 13.44 3.59 24.59
O28 LU8 C . 10.69 -0.30 24.86
O28 LU8 C . 10.94 -0.39 24.26
O31 LU8 C . 12.96 0.87 24.05
O31 LU8 C . 13.21 0.96 23.85
C1 EDO D . 5.08 7.65 16.66
O1 EDO D . 5.02 9.11 16.80
C2 EDO D . 4.98 7.06 18.02
O2 EDO D . 5.98 7.52 18.97
C1 EDO E . -3.08 -24.60 25.28
O1 EDO E . -3.62 -24.88 26.62
C2 EDO E . -1.83 -23.79 25.23
O2 EDO E . -1.79 -22.54 26.03
C1 EDO F . 10.48 -35.55 20.61
O1 EDO F . 10.29 -35.36 19.21
C2 EDO F . 11.33 -34.47 21.20
O2 EDO F . 11.93 -33.74 20.17
C1 EDO G . 3.52 -18.39 33.16
O1 EDO G . 3.61 -19.20 31.98
C2 EDO G . 2.32 -18.50 34.06
O2 EDO G . 1.96 -19.79 34.59
S DMS H . 6.59 15.69 16.89
O DMS H . 6.27 16.91 16.09
C1 DMS H . 8.30 15.80 17.21
C2 DMS H . 6.59 14.32 15.76
C10 LU8 I . 19.96 20.67 17.34
C13 LU8 I . 19.38 20.48 13.66
C15 LU8 I . 20.30 21.64 11.67
C17 LU8 I . 19.92 23.34 9.92
C20 LU8 I . 21.56 21.66 9.54
C21 LU8 I . 21.63 21.37 11.03
C22 LU8 I . 21.04 22.09 14.06
C24 LU8 I . 20.19 19.42 17.90
C26 LU8 I . 21.80 17.63 19.89
C01 LU8 I . 17.76 15.92 22.59
C03 LU8 I . 20.03 16.36 21.71
C04 LU8 I . 19.55 17.41 20.99
C05 LU8 I . 20.42 18.03 20.06
C06 LU8 I . 20.11 19.27 19.27
C07 LU8 I . 19.89 20.40 20.10
C09 LU8 I . 19.66 21.74 18.23
C11 LU8 I . 19.99 20.94 15.93
C12 LU8 I . 19.24 20.23 15.02
C14 LU8 I . 20.25 21.43 13.15
C16 LU8 I . 19.96 23.09 11.44
C19 LU8 I . 21.28 23.44 7.90
C23 LU8 I . 20.92 21.84 15.43
C25 LU8 I . 20.36 18.22 17.04
C27 LU8 I . 22.24 16.55 20.64
C29 LU8 I . 24.36 16.65 19.60
C30 LU8 I . 21.36 15.93 21.52
C32 LU8 I . 21.42 13.55 21.95
N08 LU8 I . 19.64 21.60 19.56
N18 LU8 I . 21.24 23.08 9.34
O02 LU8 I . 19.20 15.68 22.58
O28 LU8 I . 23.52 16.04 20.56
O31 LU8 I . 21.79 14.90 22.28
C10 LU8 J . 16.12 21.79 14.32
C13 LU8 J . 16.13 23.20 10.86
C15 LU8 J . 16.45 22.32 8.61
C17 LU8 J . 15.23 22.98 6.56
C20 LU8 J . 17.32 21.77 6.38
C21 LU8 J . 17.14 21.24 7.81
C22 LU8 J . 16.57 20.83 10.64
C24 LU8 J . 15.43 20.79 15.07
C26 LU8 J . 15.25 18.41 17.28
C01 LU8 J . 11.02 20.44 18.96
C03 LU8 J . 12.83 18.99 18.45
C04 LU8 J . 13.51 20.02 17.83
C05 LU8 J . 14.73 19.75 17.23
C06 LU8 J . 15.46 20.81 16.45
C07 LU8 J . 16.15 21.82 17.10
C09 LU8 J . 16.79 22.73 15.10
C11 LU8 J . 16.20 21.89 12.85
C12 LU8 J . 16.03 23.15 12.24
C14 LU8 J . 16.39 22.09 10.05
C16 LU8 J . 15.06 22.50 8.01
C19 LU8 J . 16.03 22.36 4.37
C23 LU8 J . 16.48 20.77 12.03
C25 LU8 J . 14.59 19.74 14.35
C27 LU8 J . 14.58 17.46 17.95
C29 LU8 J . 16.29 15.84 17.54
C30 LU8 J . 13.34 17.70 18.49
C32 LU8 J . 12.82 16.47 20.47
N08 LU8 J . 16.80 22.75 16.42
N18 LU8 J . 15.97 21.96 5.79
O02 LU8 J . 11.64 19.12 19.07
O28 LU8 J . 14.99 16.14 18.03
O31 LU8 J . 12.65 16.68 19.07
N01 XGJ K . -6.51 4.35 11.70
C02 XGJ K . -6.00 3.55 12.79
N03 XGJ K . -6.72 2.71 13.41
C04 XGJ K . -5.89 1.76 14.17
N05 XGJ K . -4.58 2.00 13.52
N06 XGJ K . -4.67 2.95 12.54
N01 XGJ L . 6.37 -3.00 30.49
N01 XGJ L . 7.04 -5.70 33.21
C02 XGJ L . 6.28 -3.91 31.62
C02 XGJ L . 6.98 -4.44 32.49
N03 XGJ L . 6.87 -3.40 32.63
N03 XGJ L . 5.82 -4.23 32.05
C04 XGJ L . 7.47 -4.55 33.36
C04 XGJ L . 5.92 -3.65 30.66
N05 XGJ L . 7.35 -5.74 32.43
N05 XGJ L . 7.34 -3.86 30.24
N06 XGJ L . 7.05 -5.26 31.31
N06 XGJ L . 7.91 -4.54 31.26
N01 XGJ M . 14.59 -19.61 31.52
C02 XGJ M . 14.53 -21.00 31.72
N03 XGJ M . 13.63 -21.44 32.55
C04 XGJ M . 14.14 -22.66 33.23
N05 XGJ M . 15.58 -22.70 32.82
N06 XGJ M . 15.90 -21.51 32.34
S SO4 N . 0.80 10.14 23.36
O1 SO4 N . 1.69 10.27 22.25
O2 SO4 N . -0.56 10.16 22.92
O3 SO4 N . 1.03 8.90 23.99
O4 SO4 N . 1.03 11.24 24.28
S SO4 O . -13.90 -22.28 27.96
O1 SO4 O . -14.34 -22.54 26.63
O2 SO4 O . -14.62 -21.19 28.49
O3 SO4 O . -12.49 -22.01 27.89
O4 SO4 O . -14.08 -23.47 28.80
S SO4 P . 8.39 -14.69 30.78
O1 SO4 P . 7.99 -14.95 29.41
O2 SO4 P . 7.71 -15.56 31.71
O3 SO4 P . 8.14 -13.30 31.14
O4 SO4 P . 9.81 -14.92 30.86
C1 EDO Q . 10.39 5.23 6.94
O1 EDO Q . 9.14 5.39 7.54
C2 EDO Q . 10.46 5.36 5.48
O2 EDO Q . 11.44 6.31 5.14
C1 EDO R . 25.56 24.22 11.90
O1 EDO R . 25.74 25.42 12.63
C2 EDO R . 24.38 23.48 12.36
O2 EDO R . 24.07 23.75 13.72
C1 EDO S . -23.02 -16.58 25.33
O1 EDO S . -23.80 -16.43 24.18
C2 EDO S . -21.79 -15.77 25.27
O2 EDO S . -21.25 -15.56 26.53
C1 EDO T . -7.73 -19.11 33.68
O1 EDO T . -7.51 -20.25 32.86
C2 EDO T . -7.90 -17.81 32.95
O2 EDO T . -8.49 -17.89 31.65
C10 LU8 U . -0.93 16.69 -25.87
C13 LU8 U . -1.95 20.29 -25.20
C15 LU8 U . -3.07 21.43 -23.32
C17 LU8 U . -4.87 22.99 -22.72
C20 LU8 U . -2.86 22.95 -21.29
C21 LU8 U . -2.36 21.65 -21.98
C22 LU8 U . -2.62 18.96 -23.31
C24 LU8 U . -0.13 15.74 -25.19
C26 LU8 U . 0.60 12.83 -24.17
C01 LU8 U . 4.90 12.40 -26.76
C03 LU8 U . 3.02 12.10 -25.22
C04 LU8 U . 2.34 13.15 -25.81
C05 LU8 U . 1.12 13.54 -25.29
C06 LU8 U . 0.31 14.65 -25.94
C07 LU8 U . -0.02 14.48 -27.29
C09 LU8 U . -1.19 16.49 -27.18
C11 LU8 U . -1.49 17.91 -25.20
C12 LU8 U . -1.40 19.14 -25.84
C14 LU8 U . -2.53 20.18 -23.95
C16 LU8 U . -4.54 21.49 -23.03
C19 LU8 U . -2.93 24.44 -23.26
C23 LU8 U . -2.10 17.83 -23.93
C25 LU8 U . 0.28 15.96 -23.75
C27 LU8 U . 1.30 11.78 -23.64
C29 LU8 U . -0.32 11.49 -21.91
C30 LU8 U . 2.50 11.45 -24.14
C32 LU8 U . 2.99 9.17 -24.21
N08 LU8 U . -0.80 15.44 -27.91
N18 LU8 U . -3.70 23.74 -22.22
O02 LU8 U . 4.26 11.68 -25.67
O28 LU8 U . 0.87 11.06 -22.55
O31 LU8 U . 3.26 10.39 -23.57
S SO4 V . -6.40 15.03 -34.39
O1 SO4 V . -5.78 16.17 -34.99
O2 SO4 V . -7.74 14.89 -34.98
O3 SO4 V . -5.65 13.82 -34.68
O4 SO4 V . -6.47 15.27 -32.95
C1 EDO W . -17.94 9.47 -2.20
O1 EDO W . -18.43 10.71 -1.51
C2 EDO W . -16.62 9.61 -2.83
O2 EDO W . -16.37 10.80 -3.69
S DMS X . -22.60 -11.30 -26.28
O DMS X . -22.67 -9.79 -26.40
C1 DMS X . -20.96 -11.69 -25.72
C2 DMS X . -23.48 -11.73 -24.79
N01 XGJ Y . 1.20 10.73 -18.08
N01 XGJ Y . 0.04 12.64 -18.26
C02 XGJ Y . 2.13 11.67 -18.68
C02 XGJ Y . 1.09 12.53 -19.23
N03 XGJ Y . 1.54 12.75 -18.97
N03 XGJ Y . 1.89 11.52 -19.18
C04 XGJ Y . 2.21 13.25 -20.21
C04 XGJ Y . 3.01 11.89 -20.00
N05 XGJ Y . 3.05 12.09 -20.72
N05 XGJ Y . 2.94 13.34 -20.15
N06 XGJ Y . 2.68 11.09 -20.06
N06 XGJ Y . 1.75 13.80 -19.63
N01 XGJ Z . 5.22 8.48 -13.82
N01 XGJ Z . 6.07 8.80 -17.36
C02 XGJ Z . 5.30 9.47 -14.88
C02 XGJ Z . 5.04 9.39 -16.56
N03 XGJ Z . 4.49 10.43 -14.64
N03 XGJ Z . 3.81 9.31 -16.76
C04 XGJ Z . 4.01 10.89 -15.98
C04 XGJ Z . 3.21 9.92 -15.62
N05 XGJ Z . 4.44 9.81 -16.96
N05 XGJ Z . 4.19 10.10 -14.61
N06 XGJ Z . 4.82 8.85 -16.25
N06 XGJ Z . 5.38 9.73 -15.14
N01 XGJ AA . 1.71 8.11 -7.93
C02 XGJ AA . 1.40 9.47 -8.20
N03 XGJ AA . 2.14 10.47 -7.75
C04 XGJ AA . 1.32 11.66 -7.96
N05 XGJ AA . -0.13 11.25 -8.01
N06 XGJ AA . -0.04 9.89 -7.92
S SO4 BA . -1.53 13.66 -11.62
O1 SO4 BA . -0.97 14.89 -12.14
O2 SO4 BA . -2.47 13.15 -12.56
O3 SO4 BA . -0.49 12.67 -11.40
O4 SO4 BA . -2.20 13.93 -10.35
C1 EDO CA . -4.64 7.60 -32.43
O1 EDO CA . -3.96 6.70 -33.20
C2 EDO CA . -3.91 8.72 -31.78
O2 EDO CA . -2.72 9.29 -32.27
C1 EDO DA . -17.54 -6.41 -3.41
O1 EDO DA . -17.33 -7.15 -4.61
C2 EDO DA . -18.70 -5.48 -3.48
O2 EDO DA . -18.32 -4.18 -3.88
C1 EDO EA . -26.37 23.33 -20.57
O1 EDO EA . -27.68 22.77 -20.37
C2 EDO EA . -25.83 23.52 -19.23
O2 EDO EA . -26.86 23.25 -18.27
#